data_3X1K
#
_entry.id   3X1K
#
_cell.length_a   80.325
_cell.length_b   89.787
_cell.length_c   80.315
_cell.angle_alpha   90.00
_cell.angle_beta   98.27
_cell.angle_gamma   90.00
#
_symmetry.space_group_name_H-M   'P 1 21 1'
#
loop_
_entity.id
_entity.type
_entity.pdbx_description
1 polymer 'Phosphopantetheine adenylyltransferase'
2 non-polymer 'PHOSPHOAMINOPHOSPHONIC ACID-ADENYLATE ESTER'
3 non-polymer 'DIMETHYL SULFOXIDE'
4 non-polymer 'FORMIC ACID'
5 non-polymer 'PHOSPHATE ION'
6 non-polymer GLYCEROL
7 water water
#
_entity_poly.entity_id   1
_entity_poly.type   'polypeptide(L)'
_entity_poly.pdbx_seq_one_letter_code
;MNRVLYPGTFDPITKGHGDLIERASRLFDHVIIAVAASPKKNPLFSLEQRVALAQEVTKHLPNVEVVGFSTLLAHFVKEQ
KANVFLRGLRAVSDFEYEFQLANMNRQLAPDVESMFLTPSEKYSFISSTLVREIAALGGDISKFVHPAVADALAERFKR
;
_entity_poly.pdbx_strand_id   A,B,C,D,E,F
#
# COMPACT_ATOMS: atom_id res chain seq x y z
N ASN A 2 -1.09 14.42 -30.87
CA ASN A 2 -1.34 13.39 -29.87
C ASN A 2 -2.72 12.79 -29.96
N ARG A 3 -2.77 11.46 -30.03
CA ARG A 3 -4.04 10.75 -30.03
C ARG A 3 -4.01 9.81 -28.85
N VAL A 4 -4.83 10.08 -27.85
CA VAL A 4 -4.72 9.32 -26.63
C VAL A 4 -5.83 8.28 -26.59
N LEU A 5 -5.51 7.10 -26.09
CA LEU A 5 -6.44 6.00 -26.06
C LEU A 5 -6.69 5.59 -24.62
N TYR A 6 -7.95 5.67 -24.21
CA TYR A 6 -8.36 5.37 -22.85
C TYR A 6 -9.11 4.05 -22.80
N PRO A 7 -8.41 2.97 -22.46
CA PRO A 7 -9.06 1.65 -22.49
C PRO A 7 -9.63 1.28 -21.13
N GLY A 8 -10.74 0.57 -21.14
CA GLY A 8 -11.36 0.13 -19.92
C GLY A 8 -12.51 -0.79 -20.26
N THR A 9 -13.18 -1.32 -19.24
CA THR A 9 -14.32 -2.17 -19.46
C THR A 9 -15.63 -1.35 -19.49
N PHE A 10 -15.68 -0.27 -18.71
CA PHE A 10 -16.81 0.66 -18.71
C PHE A 10 -18.12 -0.09 -18.52
N ASP A 11 -18.21 -0.83 -17.41
CA ASP A 11 -19.39 -1.65 -17.20
C ASP A 11 -20.21 -1.24 -16.00
N PRO A 12 -20.96 -0.13 -16.10
CA PRO A 12 -21.10 0.82 -17.19
C PRO A 12 -20.13 2.00 -17.06
N ILE A 13 -20.17 2.95 -17.99
CA ILE A 13 -19.32 4.12 -17.80
C ILE A 13 -19.91 4.94 -16.65
N THR A 14 -19.05 5.50 -15.79
CA THR A 14 -19.49 6.17 -14.57
C THR A 14 -19.00 7.61 -14.57
N LYS A 15 -19.39 8.39 -13.56
CA LYS A 15 -18.92 9.77 -13.46
C LYS A 15 -17.42 9.85 -13.20
N GLY A 16 -16.84 8.77 -12.72
CA GLY A 16 -15.40 8.77 -12.54
C GLY A 16 -14.73 8.69 -13.90
N HIS A 17 -15.23 7.79 -14.75
CA HIS A 17 -14.72 7.68 -16.12
C HIS A 17 -14.96 8.99 -16.83
N GLY A 18 -16.17 9.53 -16.64
CA GLY A 18 -16.57 10.71 -17.34
C GLY A 18 -15.70 11.91 -17.01
N ASP A 19 -15.31 12.02 -15.75
CA ASP A 19 -14.47 13.14 -15.35
C ASP A 19 -13.12 13.06 -16.05
N LEU A 20 -12.54 11.87 -16.10
CA LEU A 20 -11.26 11.70 -16.76
C LEU A 20 -11.36 11.99 -18.25
N ILE A 21 -12.50 11.69 -18.85
CA ILE A 21 -12.64 11.90 -20.28
C ILE A 21 -12.78 13.39 -20.60
N GLU A 22 -13.53 14.13 -19.78
CA GLU A 22 -13.70 15.56 -19.99
C GLU A 22 -12.32 16.23 -19.84
N ARG A 23 -11.55 15.78 -18.85
CA ARG A 23 -10.23 16.34 -18.61
C ARG A 23 -9.24 15.93 -19.73
N ALA A 24 -9.41 14.74 -20.30
CA ALA A 24 -8.50 14.33 -21.38
C ALA A 24 -8.81 15.08 -22.68
N SER A 25 -10.10 15.29 -22.92
CA SER A 25 -10.53 15.97 -24.12
C SER A 25 -10.01 17.40 -24.13
N ARG A 26 -9.75 17.95 -22.96
CA ARG A 26 -9.25 19.32 -22.85
C ARG A 26 -7.73 19.38 -23.04
N LEU A 27 -7.09 18.23 -22.94
CA LEU A 27 -5.65 18.16 -22.94
C LEU A 27 -5.04 17.65 -24.24
N PHE A 28 -5.79 16.84 -24.98
CA PHE A 28 -5.27 16.19 -26.18
C PHE A 28 -6.11 16.51 -27.40
N ASP A 29 -5.52 16.36 -28.58
CA ASP A 29 -6.22 16.71 -29.80
C ASP A 29 -7.33 15.70 -30.13
N HIS A 30 -7.05 14.42 -29.89
CA HIS A 30 -8.00 13.35 -30.23
C HIS A 30 -8.04 12.35 -29.09
N VAL A 31 -9.24 12.07 -28.60
CA VAL A 31 -9.37 11.10 -27.53
C VAL A 31 -10.26 9.95 -27.96
N ILE A 32 -9.74 8.74 -27.85
CA ILE A 32 -10.53 7.55 -28.15
C ILE A 32 -10.81 6.77 -26.90
N ILE A 33 -12.09 6.50 -26.70
CA ILE A 33 -12.50 5.62 -25.62
C ILE A 33 -12.61 4.23 -26.20
N ALA A 34 -11.71 3.35 -25.78
CA ALA A 34 -11.69 2.01 -26.33
C ALA A 34 -12.34 1.05 -25.34
N VAL A 35 -13.55 0.62 -25.65
CA VAL A 35 -14.25 -0.26 -24.73
C VAL A 35 -13.90 -1.74 -24.94
N ALA A 36 -13.29 -2.35 -23.92
CA ALA A 36 -12.85 -3.75 -24.02
C ALA A 36 -14.00 -4.74 -23.84
N ALA A 37 -13.98 -5.78 -24.66
CA ALA A 37 -14.97 -6.85 -24.58
C ALA A 37 -14.97 -7.41 -23.16
N SER A 38 -13.77 -7.75 -22.69
CA SER A 38 -13.54 -8.14 -21.31
C SER A 38 -14.37 -9.35 -20.90
N PRO A 39 -14.33 -10.42 -21.72
CA PRO A 39 -15.19 -11.56 -21.41
C PRO A 39 -14.97 -12.16 -20.03
N LYS A 40 -13.75 -12.10 -19.50
CA LYS A 40 -13.45 -12.70 -18.19
C LYS A 40 -14.05 -11.95 -17.03
N LYS A 41 -14.77 -10.89 -17.33
CA LYS A 41 -15.37 -10.11 -16.25
C LYS A 41 -16.90 -10.29 -16.22
N ASN A 42 -17.43 -11.18 -17.05
N ASN A 42 -17.41 -11.27 -16.98
CA ASN A 42 -18.87 -11.34 -17.19
CA ASN A 42 -18.80 -11.33 -17.49
C ASN A 42 -19.65 -10.03 -17.08
C ASN A 42 -19.60 -10.09 -17.18
N PRO A 43 -19.45 -9.08 -18.04
CA PRO A 43 -20.01 -7.74 -17.84
C PRO A 43 -21.51 -7.76 -17.74
N LEU A 44 -22.00 -6.87 -16.90
CA LEU A 44 -23.42 -6.73 -16.71
C LEU A 44 -24.02 -6.33 -18.06
N PHE A 45 -23.38 -5.38 -18.75
CA PHE A 45 -23.82 -4.97 -20.08
C PHE A 45 -22.97 -5.54 -21.20
N SER A 46 -23.62 -5.72 -22.34
CA SER A 46 -22.92 -6.14 -23.53
C SER A 46 -22.00 -5.03 -24.05
N LEU A 47 -21.06 -5.42 -24.89
CA LEU A 47 -20.10 -4.47 -25.47
C LEU A 47 -20.85 -3.43 -26.26
N GLU A 48 -21.85 -3.87 -27.00
CA GLU A 48 -22.68 -2.93 -27.75
C GLU A 48 -23.40 -1.90 -26.86
N GLN A 49 -23.94 -2.33 -25.72
CA GLN A 49 -24.64 -1.39 -24.83
C GLN A 49 -23.62 -0.43 -24.20
N ARG A 50 -22.48 -0.98 -23.77
CA ARG A 50 -21.45 -0.20 -23.12
C ARG A 50 -20.87 0.86 -24.07
N VAL A 51 -20.66 0.49 -25.33
CA VAL A 51 -20.27 1.48 -26.34
C VAL A 51 -21.34 2.55 -26.52
N ALA A 52 -22.60 2.13 -26.54
CA ALA A 52 -23.68 3.08 -26.78
C ALA A 52 -23.75 4.06 -25.65
N LEU A 53 -23.62 3.53 -24.43
CA LEU A 53 -23.65 4.35 -23.25
C LEU A 53 -22.47 5.35 -23.21
N ALA A 54 -21.27 4.89 -23.55
CA ALA A 54 -20.11 5.77 -23.48
C ALA A 54 -20.22 6.87 -24.52
N GLN A 55 -20.81 6.53 -25.66
CA GLN A 55 -20.97 7.46 -26.75
C GLN A 55 -22.03 8.48 -26.34
N GLU A 56 -23.09 8.01 -25.68
CA GLU A 56 -24.16 8.90 -25.27
C GLU A 56 -23.66 9.96 -24.29
N VAL A 57 -22.71 9.56 -23.45
CA VAL A 57 -22.18 10.38 -22.38
C VAL A 57 -21.07 11.34 -22.85
N THR A 58 -20.55 11.11 -24.07
CA THR A 58 -19.43 11.90 -24.56
C THR A 58 -19.80 12.61 -25.88
N LYS A 59 -21.09 12.55 -26.20
CA LYS A 59 -21.70 13.06 -27.42
C LYS A 59 -21.33 14.52 -27.69
N HIS A 60 -21.19 15.26 -26.61
CA HIS A 60 -20.90 16.69 -26.59
C HIS A 60 -19.43 17.02 -26.68
N LEU A 61 -18.56 16.01 -26.72
CA LEU A 61 -17.15 16.29 -26.86
C LEU A 61 -16.72 15.89 -28.24
N PRO A 62 -16.27 16.89 -29.02
CA PRO A 62 -15.99 16.70 -30.45
C PRO A 62 -14.68 15.97 -30.67
N ASN A 63 -13.72 16.14 -29.78
CA ASN A 63 -12.44 15.51 -30.04
C ASN A 63 -12.38 14.14 -29.38
N VAL A 64 -13.55 13.64 -28.98
CA VAL A 64 -13.69 12.32 -28.36
C VAL A 64 -14.54 11.33 -29.19
N GLU A 65 -14.02 10.12 -29.36
CA GLU A 65 -14.66 9.06 -30.12
C GLU A 65 -14.77 7.78 -29.25
N VAL A 66 -15.75 6.91 -29.51
CA VAL A 66 -15.88 5.66 -28.76
C VAL A 66 -15.77 4.45 -29.68
N VAL A 67 -14.97 3.47 -29.29
CA VAL A 67 -14.79 2.27 -30.10
C VAL A 67 -14.76 1.02 -29.26
N GLY A 68 -15.39 -0.03 -29.76
CA GLY A 68 -15.34 -1.32 -29.08
C GLY A 68 -14.21 -2.15 -29.68
N PHE A 69 -13.59 -2.98 -28.85
CA PHE A 69 -12.53 -3.84 -29.35
C PHE A 69 -12.40 -5.06 -28.47
N SER A 70 -11.97 -6.15 -29.08
CA SER A 70 -11.90 -7.41 -28.38
C SER A 70 -10.56 -8.06 -28.67
N THR A 71 -9.67 -7.27 -29.27
CA THR A 71 -8.31 -7.75 -29.53
C THR A 71 -7.33 -7.31 -28.44
N LEU A 72 -6.08 -7.74 -28.57
CA LEU A 72 -5.02 -7.35 -27.64
C LEU A 72 -4.83 -5.84 -27.66
N LEU A 73 -4.79 -5.22 -26.49
CA LEU A 73 -4.74 -3.78 -26.39
C LEU A 73 -3.51 -3.22 -27.12
N ALA A 74 -2.38 -3.91 -27.02
CA ALA A 74 -1.15 -3.43 -27.66
C ALA A 74 -1.21 -3.52 -29.18
N HIS A 75 -2.11 -4.34 -29.72
CA HIS A 75 -2.38 -4.39 -31.16
C HIS A 75 -3.39 -3.33 -31.53
N PHE A 76 -4.36 -3.12 -30.67
CA PHE A 76 -5.46 -2.24 -31.03
C PHE A 76 -5.00 -0.79 -31.10
N VAL A 77 -4.08 -0.43 -30.22
CA VAL A 77 -3.59 0.93 -30.15
C VAL A 77 -2.85 1.30 -31.44
N LYS A 78 -2.24 0.30 -32.07
CA LYS A 78 -1.54 0.51 -33.31
C LYS A 78 -2.55 0.66 -34.44
N GLU A 79 -3.59 -0.18 -34.35
CA GLU A 79 -4.64 -0.18 -35.35
C GLU A 79 -5.36 1.17 -35.29
N GLN A 80 -5.31 1.80 -34.13
CA GLN A 80 -5.89 3.10 -33.94
C GLN A 80 -4.85 4.21 -34.13
N LYS A 81 -3.59 3.85 -34.36
CA LYS A 81 -2.52 4.84 -34.52
C LYS A 81 -2.49 5.83 -33.32
N ALA A 82 -2.67 5.33 -32.11
CA ALA A 82 -2.62 6.16 -30.92
C ALA A 82 -1.24 6.06 -30.32
N ASN A 83 -0.73 7.17 -29.79
CA ASN A 83 0.62 7.19 -29.22
C ASN A 83 0.63 7.29 -27.70
N VAL A 84 -0.53 7.45 -27.09
CA VAL A 84 -0.62 7.57 -25.64
C VAL A 84 -1.71 6.71 -25.03
N PHE A 85 -1.39 6.04 -23.94
CA PHE A 85 -2.39 5.38 -23.11
C PHE A 85 -2.78 6.34 -22.02
N LEU A 86 -4.07 6.40 -21.74
CA LEU A 86 -4.57 7.06 -20.55
C LEU A 86 -5.16 6.05 -19.57
N ARG A 87 -4.74 6.10 -18.31
CA ARG A 87 -5.38 5.30 -17.28
C ARG A 87 -5.68 6.10 -16.00
N GLY A 88 -6.62 5.60 -15.19
CA GLY A 88 -6.98 6.27 -13.95
C GLY A 88 -6.32 5.63 -12.74
N LEU A 89 -5.93 6.47 -11.77
CA LEU A 89 -5.44 5.99 -10.49
C LEU A 89 -6.27 6.47 -9.31
N ARG A 90 -7.04 5.57 -8.70
CA ARG A 90 -7.85 5.92 -7.52
C ARG A 90 -7.18 5.53 -6.21
N ALA A 91 -6.45 4.43 -6.24
CA ALA A 91 -5.95 3.87 -5.02
C ALA A 91 -4.71 3.02 -5.28
N VAL A 92 -4.05 2.60 -4.21
CA VAL A 92 -2.85 1.79 -4.29
C VAL A 92 -3.06 0.56 -5.18
N SER A 93 -4.28 0.04 -5.14
CA SER A 93 -4.61 -1.10 -5.98
C SER A 93 -4.53 -0.73 -7.45
N ASP A 94 -5.07 0.42 -7.82
CA ASP A 94 -4.98 0.85 -9.20
C ASP A 94 -3.53 1.08 -9.55
N PHE A 95 -2.84 1.79 -8.67
CA PHE A 95 -1.48 2.19 -8.95
C PHE A 95 -0.61 0.97 -9.22
N GLU A 96 -0.76 -0.06 -8.39
CA GLU A 96 0.03 -1.27 -8.57
C GLU A 96 -0.21 -1.89 -9.93
N TYR A 97 -1.47 -2.00 -10.27
CA TYR A 97 -1.84 -2.70 -11.46
C TYR A 97 -1.40 -1.94 -12.71
N GLU A 98 -1.67 -0.63 -12.75
CA GLU A 98 -1.32 0.17 -13.92
C GLU A 98 0.20 0.22 -14.12
N PHE A 99 0.91 0.15 -12.99
CA PHE A 99 2.36 0.16 -13.00
C PHE A 99 2.85 -1.12 -13.68
N GLN A 100 2.21 -2.24 -13.38
CA GLN A 100 2.63 -3.52 -13.96
C GLN A 100 2.20 -3.56 -15.42
N LEU A 101 1.00 -3.08 -15.69
CA LEU A 101 0.50 -3.14 -17.05
C LEU A 101 1.29 -2.23 -17.98
N ALA A 102 1.82 -1.14 -17.42
CA ALA A 102 2.57 -0.19 -18.22
C ALA A 102 3.96 -0.74 -18.57
N ASN A 103 4.60 -1.46 -17.66
CA ASN A 103 5.90 -2.05 -18.00
C ASN A 103 5.66 -3.14 -19.03
N MET A 104 4.49 -3.77 -18.95
CA MET A 104 4.13 -4.80 -19.88
C MET A 104 3.76 -4.23 -21.24
N ASN A 105 3.04 -3.12 -21.26
CA ASN A 105 2.74 -2.51 -22.53
C ASN A 105 3.98 -1.87 -23.14
N ARG A 106 4.95 -1.52 -22.31
CA ARG A 106 6.19 -0.96 -22.85
C ARG A 106 6.97 -1.99 -23.68
N GLN A 107 6.89 -3.26 -23.30
CA GLN A 107 7.48 -4.32 -24.11
C GLN A 107 6.67 -4.59 -25.39
N LEU A 108 5.35 -4.58 -25.28
CA LEU A 108 4.49 -4.92 -26.43
C LEU A 108 4.23 -3.75 -27.36
N ALA A 109 4.26 -2.53 -26.83
CA ALA A 109 4.03 -1.35 -27.66
C ALA A 109 4.97 -0.23 -27.22
N PRO A 110 6.24 -0.32 -27.62
CA PRO A 110 7.32 0.54 -27.12
C PRO A 110 7.19 2.00 -27.54
N ASP A 111 6.38 2.27 -28.55
CA ASP A 111 6.24 3.63 -29.04
C ASP A 111 5.02 4.35 -28.47
N VAL A 112 4.40 3.74 -27.46
CA VAL A 112 3.20 4.29 -26.82
C VAL A 112 3.45 4.66 -25.35
N GLU A 113 3.12 5.90 -25.01
CA GLU A 113 3.35 6.36 -23.67
C GLU A 113 2.20 5.91 -22.78
N SER A 114 2.48 5.67 -21.50
CA SER A 114 1.42 5.39 -20.55
C SER A 114 1.30 6.51 -19.58
N MET A 115 0.12 7.12 -19.49
CA MET A 115 -0.03 8.28 -18.61
C MET A 115 -1.26 8.17 -17.69
N PHE A 116 -1.20 8.82 -16.55
CA PHE A 116 -2.23 8.63 -15.55
C PHE A 116 -2.79 9.94 -15.09
N LEU A 117 -4.06 9.90 -14.74
CA LEU A 117 -4.72 11.00 -14.09
C LEU A 117 -5.26 10.44 -12.80
N THR A 118 -5.44 11.29 -11.80
CA THR A 118 -6.12 10.90 -10.58
C THR A 118 -7.46 11.61 -10.58
N PRO A 119 -8.46 11.01 -9.96
CA PRO A 119 -9.81 11.59 -10.02
C PRO A 119 -9.99 12.77 -9.09
N SER A 120 -11.00 13.60 -9.35
CA SER A 120 -11.39 14.62 -8.38
C SER A 120 -11.86 13.86 -7.17
N GLU A 121 -11.64 14.43 -5.98
CA GLU A 121 -11.97 13.76 -4.73
C GLU A 121 -13.45 13.39 -4.74
N LYS A 122 -14.24 14.16 -5.49
CA LYS A 122 -15.68 13.96 -5.63
C LYS A 122 -16.05 12.62 -6.32
N TYR A 123 -15.16 12.08 -7.16
CA TYR A 123 -15.44 10.80 -7.81
C TYR A 123 -14.43 9.70 -7.45
N SER A 124 -13.60 9.97 -6.45
CA SER A 124 -12.48 9.11 -6.17
C SER A 124 -12.91 7.72 -5.76
N PHE A 125 -14.06 7.64 -5.09
CA PHE A 125 -14.50 6.42 -4.46
C PHE A 125 -15.38 5.59 -5.38
N ILE A 126 -15.76 6.15 -6.53
CA ILE A 126 -16.66 5.49 -7.47
C ILE A 126 -16.02 4.32 -8.21
N SER A 127 -16.65 3.17 -8.03
CA SER A 127 -16.26 1.92 -8.65
C SER A 127 -17.37 1.42 -9.55
N SER A 128 -17.04 0.78 -10.66
CA SER A 128 -18.09 0.21 -11.50
C SER A 128 -18.74 -0.96 -10.80
N THR A 129 -17.89 -1.73 -10.15
CA THR A 129 -18.32 -2.90 -9.41
C THR A 129 -19.27 -2.50 -8.30
N LEU A 130 -18.96 -1.38 -7.67
CA LEU A 130 -19.81 -0.91 -6.61
C LEU A 130 -21.16 -0.43 -7.19
N VAL A 131 -21.11 0.32 -8.29
CA VAL A 131 -22.31 0.82 -8.92
C VAL A 131 -23.24 -0.33 -9.31
N ARG A 132 -22.66 -1.36 -9.95
CA ARG A 132 -23.40 -2.58 -10.29
C ARG A 132 -24.05 -3.29 -9.09
N GLU A 133 -23.29 -3.44 -8.01
CA GLU A 133 -23.80 -4.22 -6.88
C GLU A 133 -24.89 -3.46 -6.14
N ILE A 134 -24.76 -2.14 -6.07
CA ILE A 134 -25.80 -1.31 -5.48
C ILE A 134 -27.07 -1.27 -6.36
N ALA A 135 -26.91 -1.14 -7.67
CA ALA A 135 -28.07 -1.08 -8.54
C ALA A 135 -28.80 -2.43 -8.52
N ALA A 136 -28.05 -3.52 -8.50
CA ALA A 136 -28.63 -4.84 -8.43
C ALA A 136 -29.50 -5.06 -7.17
N LEU A 137 -29.30 -4.27 -6.12
CA LEU A 137 -30.09 -4.40 -4.90
C LEU A 137 -31.06 -3.23 -4.73
N GLY A 138 -31.27 -2.48 -5.79
CA GLY A 138 -32.20 -1.38 -5.78
C GLY A 138 -31.75 -0.17 -4.99
N GLY A 139 -30.45 -0.04 -4.71
CA GLY A 139 -30.00 1.19 -4.07
C GLY A 139 -29.92 2.29 -5.11
N ASP A 140 -30.09 3.54 -4.69
CA ASP A 140 -30.03 4.66 -5.62
C ASP A 140 -28.61 4.97 -6.02
N ILE A 141 -28.30 4.79 -7.30
CA ILE A 141 -26.97 5.05 -7.83
C ILE A 141 -26.87 6.28 -8.72
N SER A 142 -27.84 7.19 -8.64
CA SER A 142 -27.88 8.34 -9.57
C SER A 142 -26.77 9.36 -9.40
N LYS A 143 -26.10 9.35 -8.26
CA LYS A 143 -25.09 10.35 -7.98
C LYS A 143 -23.73 9.95 -8.55
N PHE A 144 -23.63 8.72 -9.03
CA PHE A 144 -22.34 8.21 -9.47
C PHE A 144 -22.29 8.00 -10.97
N VAL A 145 -23.42 8.23 -11.63
CA VAL A 145 -23.50 7.99 -13.06
C VAL A 145 -24.34 9.04 -13.77
N HIS A 146 -24.22 9.06 -15.09
CA HIS A 146 -24.95 9.96 -15.99
C HIS A 146 -26.39 9.44 -16.03
N PRO A 147 -27.35 10.35 -16.28
CA PRO A 147 -28.75 9.93 -16.30
C PRO A 147 -29.03 8.77 -17.25
N ALA A 148 -28.40 8.73 -18.42
CA ALA A 148 -28.66 7.62 -19.35
C ALA A 148 -28.19 6.29 -18.76
N VAL A 149 -27.10 6.35 -17.99
CA VAL A 149 -26.53 5.15 -17.39
C VAL A 149 -27.41 4.67 -16.25
N ALA A 150 -27.92 5.62 -15.48
CA ALA A 150 -28.84 5.32 -14.40
C ALA A 150 -30.07 4.60 -14.95
N ASP A 151 -30.61 5.11 -16.05
CA ASP A 151 -31.76 4.47 -16.69
C ASP A 151 -31.41 3.08 -17.15
N ALA A 152 -30.22 2.94 -17.74
CA ALA A 152 -29.79 1.64 -18.22
C ALA A 152 -29.63 0.64 -17.05
N LEU A 153 -29.17 1.08 -15.88
CA LEU A 153 -29.11 0.11 -14.78
C LEU A 153 -30.50 -0.26 -14.38
N ALA A 154 -31.38 0.74 -14.33
CA ALA A 154 -32.73 0.51 -13.85
C ALA A 154 -33.42 -0.53 -14.70
N GLU A 155 -33.26 -0.40 -16.01
CA GLU A 155 -33.91 -1.31 -16.93
C GLU A 155 -33.22 -2.66 -16.85
N ARG A 156 -31.91 -2.68 -16.60
CA ARG A 156 -31.19 -3.96 -16.66
C ARG A 156 -31.65 -5.00 -15.64
N PHE A 157 -32.22 -4.57 -14.51
CA PHE A 157 -32.66 -5.55 -13.52
C PHE A 157 -34.17 -5.75 -13.55
N LYS A 158 -34.79 -5.38 -14.67
CA LYS A 158 -36.23 -5.55 -14.86
C LYS A 158 -36.54 -5.60 -16.36
N ASN B 2 27.17 -20.50 2.80
CA ASN B 2 26.47 -19.21 2.81
C ASN B 2 26.74 -18.35 4.03
N ARG B 3 27.13 -17.11 3.79
CA ARG B 3 27.36 -16.15 4.86
C ARG B 3 26.42 -14.98 4.63
N VAL B 4 25.44 -14.84 5.50
CA VAL B 4 24.41 -13.87 5.27
C VAL B 4 24.67 -12.66 6.15
N LEU B 5 24.42 -11.49 5.58
CA LEU B 5 24.71 -10.24 6.23
C LEU B 5 23.39 -9.49 6.44
N TYR B 6 23.12 -9.20 7.70
CA TYR B 6 21.92 -8.53 8.13
C TYR B 6 22.27 -7.11 8.56
N PRO B 7 22.11 -6.14 7.66
CA PRO B 7 22.48 -4.76 7.98
C PRO B 7 21.33 -4.00 8.58
N GLY B 8 21.62 -3.08 9.48
CA GLY B 8 20.58 -2.28 10.10
C GLY B 8 21.16 -1.19 10.96
N THR B 9 20.30 -0.36 11.55
CA THR B 9 20.77 0.65 12.47
C THR B 9 20.72 0.13 13.91
N PHE B 10 19.73 -0.72 14.22
CA PHE B 10 19.63 -1.35 15.52
C PHE B 10 19.71 -0.31 16.65
N ASP B 11 18.82 0.67 16.63
CA ASP B 11 18.91 1.73 17.62
C ASP B 11 17.73 1.83 18.56
N PRO B 12 17.64 0.93 19.55
CA PRO B 12 18.49 -0.22 19.87
C PRO B 12 17.99 -1.52 19.21
N ILE B 13 18.70 -2.63 19.38
CA ILE B 13 18.23 -3.90 18.82
C ILE B 13 16.99 -4.30 19.61
N THR B 14 16.00 -4.85 18.93
CA THR B 14 14.73 -5.15 19.59
C THR B 14 14.44 -6.65 19.44
N LYS B 15 13.40 -7.15 20.09
CA LYS B 15 13.12 -8.57 19.91
C LYS B 15 12.57 -8.84 18.51
N GLY B 16 12.16 -7.80 17.80
CA GLY B 16 11.79 -8.01 16.41
C GLY B 16 13.07 -8.31 15.61
N HIS B 17 14.14 -7.55 15.83
CA HIS B 17 15.43 -7.88 15.20
C HIS B 17 15.88 -9.26 15.72
N GLY B 18 15.74 -9.45 17.02
CA GLY B 18 16.21 -10.69 17.64
C GLY B 18 15.53 -11.92 17.10
N ASP B 19 14.24 -11.81 16.79
CA ASP B 19 13.54 -12.96 16.23
C ASP B 19 14.11 -13.33 14.89
N LEU B 20 14.33 -12.33 14.05
CA LEU B 20 14.86 -12.59 12.72
C LEU B 20 16.27 -13.17 12.81
N ILE B 21 17.03 -12.75 13.81
CA ILE B 21 18.40 -13.22 13.92
C ILE B 21 18.42 -14.67 14.36
N GLU B 22 17.51 -15.03 15.26
CA GLU B 22 17.37 -16.42 15.70
C GLU B 22 16.98 -17.32 14.54
N ARG B 23 16.06 -16.83 13.72
CA ARG B 23 15.58 -17.59 12.58
C ARG B 23 16.66 -17.66 11.49
N ALA B 24 17.47 -16.62 11.36
CA ALA B 24 18.55 -16.64 10.37
C ALA B 24 19.71 -17.53 10.85
N SER B 25 19.95 -17.52 12.15
CA SER B 25 21.03 -18.34 12.71
C SER B 25 20.76 -19.83 12.50
N ARG B 26 19.48 -20.18 12.38
CA ARG B 26 19.06 -21.56 12.17
C ARG B 26 19.06 -21.96 10.70
N LEU B 27 19.14 -20.97 9.83
CA LEU B 27 18.99 -21.19 8.41
C LEU B 27 20.34 -21.13 7.66
N PHE B 28 21.30 -20.38 8.20
CA PHE B 28 22.58 -20.17 7.53
C PHE B 28 23.79 -20.61 8.33
N ASP B 29 24.91 -20.88 7.66
CA ASP B 29 26.10 -21.32 8.38
C ASP B 29 26.71 -20.16 9.17
N HIS B 30 26.72 -18.97 8.60
CA HIS B 30 27.34 -17.82 9.23
C HIS B 30 26.48 -16.58 9.06
N VAL B 31 26.18 -15.97 10.20
CA VAL B 31 25.38 -14.76 10.22
C VAL B 31 26.12 -13.61 10.86
N ILE B 32 26.23 -12.51 10.12
CA ILE B 32 26.83 -11.29 10.63
C ILE B 32 25.80 -10.18 10.78
N ILE B 33 25.74 -9.63 11.99
CA ILE B 33 24.86 -8.49 12.23
C ILE B 33 25.74 -7.28 11.91
N ALA B 34 25.42 -6.57 10.84
CA ALA B 34 26.27 -5.45 10.46
C ALA B 34 25.59 -4.17 10.90
N VAL B 35 26.09 -3.59 11.98
CA VAL B 35 25.48 -2.40 12.55
C VAL B 35 25.97 -1.10 11.90
N ALA B 36 25.06 -0.39 11.25
CA ALA B 36 25.39 0.84 10.54
C ALA B 36 25.57 2.05 11.43
N ALA B 37 26.57 2.86 11.13
CA ALA B 37 26.82 4.11 11.85
C ALA B 37 25.55 4.98 11.80
N SER B 38 25.07 5.21 10.58
CA SER B 38 23.81 5.87 10.33
C SER B 38 23.73 7.30 10.88
N PRO B 39 24.75 8.12 10.60
CA PRO B 39 24.74 9.47 11.20
C PRO B 39 23.50 10.29 10.85
N LYS B 40 22.88 10.06 9.69
CA LYS B 40 21.70 10.83 9.28
C LYS B 40 20.46 10.49 10.10
N LYS B 41 20.59 9.62 11.06
CA LYS B 41 19.44 9.28 11.88
C LYS B 41 19.59 9.79 13.32
N ASN B 42 20.70 10.49 13.60
N ASN B 42 20.68 10.56 13.55
CA ASN B 42 21.07 10.90 14.95
CA ASN B 42 21.28 10.81 14.87
C ASN B 42 20.70 9.84 15.98
C ASN B 42 20.73 9.83 15.90
N PRO B 43 21.35 8.66 15.96
CA PRO B 43 20.91 7.57 16.83
C PRO B 43 20.96 7.91 18.31
N LEU B 44 19.98 7.40 19.03
CA LEU B 44 19.93 7.61 20.46
C LEU B 44 21.21 7.01 21.07
N PHE B 45 21.58 5.80 20.63
CA PHE B 45 22.81 5.18 21.09
C PHE B 45 23.96 5.26 20.09
N SER B 46 25.17 5.32 20.62
CA SER B 46 26.35 5.33 19.76
C SER B 46 26.55 3.99 19.09
N LEU B 47 27.36 4.00 18.04
CA LEU B 47 27.65 2.78 17.30
C LEU B 47 28.26 1.75 18.22
N GLU B 48 29.16 2.19 19.10
CA GLU B 48 29.78 1.31 20.07
C GLU B 48 28.76 0.65 21.01
N GLN B 49 27.78 1.42 21.48
CA GLN B 49 26.78 0.88 22.39
C GLN B 49 25.87 -0.08 21.62
N ARG B 50 25.44 0.31 20.41
CA ARG B 50 24.52 -0.53 19.62
C ARG B 50 25.19 -1.86 19.28
N VAL B 51 26.46 -1.83 18.95
CA VAL B 51 27.22 -3.08 18.76
C VAL B 51 27.29 -3.92 20.04
N ALA B 52 27.53 -3.26 21.17
CA ALA B 52 27.67 -4.01 22.43
C ALA B 52 26.35 -4.65 22.78
N LEU B 53 25.26 -3.93 22.55
CA LEU B 53 23.94 -4.46 22.84
C LEU B 53 23.61 -5.63 21.91
N ALA B 54 23.96 -5.48 20.62
CA ALA B 54 23.68 -6.56 19.71
C ALA B 54 24.53 -7.77 20.05
N GLN B 55 25.74 -7.56 20.58
CA GLN B 55 26.60 -8.70 20.93
C GLN B 55 25.99 -9.36 22.16
N GLU B 56 25.55 -8.55 23.12
CA GLU B 56 25.01 -9.10 24.35
C GLU B 56 23.79 -9.97 24.10
N VAL B 57 22.96 -9.56 23.14
CA VAL B 57 21.69 -10.20 22.88
C VAL B 57 21.84 -11.46 21.99
N THR B 58 22.99 -11.62 21.34
CA THR B 58 23.18 -12.73 20.41
C THR B 58 24.37 -13.64 20.75
N LYS B 59 25.02 -13.38 21.88
CA LYS B 59 26.23 -14.12 22.28
C LYS B 59 26.00 -15.61 22.39
N HIS B 60 24.74 -15.99 22.62
CA HIS B 60 24.35 -17.40 22.78
C HIS B 60 24.22 -18.15 21.46
N LEU B 61 24.41 -17.46 20.35
CA LEU B 61 24.32 -18.09 19.05
C LEU B 61 25.71 -18.18 18.46
N PRO B 62 26.19 -19.41 18.21
CA PRO B 62 27.61 -19.56 17.87
C PRO B 62 27.91 -19.10 16.46
N ASN B 63 26.95 -19.21 15.55
CA ASN B 63 27.25 -18.86 14.18
C ASN B 63 26.89 -17.41 13.87
N VAL B 64 26.70 -16.62 14.91
CA VAL B 64 26.38 -15.20 14.76
C VAL B 64 27.44 -14.25 15.36
N GLU B 65 27.90 -13.29 14.55
CA GLU B 65 28.85 -12.29 15.03
C GLU B 65 28.33 -10.87 14.72
N VAL B 66 28.77 -9.86 15.47
CA VAL B 66 28.34 -8.47 15.29
C VAL B 66 29.49 -7.57 14.89
N VAL B 67 29.26 -6.71 13.90
CA VAL B 67 30.28 -5.76 13.45
C VAL B 67 29.70 -4.40 13.17
N GLY B 68 30.43 -3.36 13.52
CA GLY B 68 30.01 -2.02 13.18
C GLY B 68 30.67 -1.64 11.88
N PHE B 69 29.99 -0.81 11.10
CA PHE B 69 30.56 -0.34 9.84
C PHE B 69 29.93 1.00 9.52
N SER B 70 30.70 1.82 8.82
CA SER B 70 30.26 3.16 8.52
C SER B 70 30.53 3.46 7.05
N THR B 71 30.91 2.42 6.32
CA THR B 71 31.12 2.55 4.88
C THR B 71 29.87 2.16 4.10
N LEU B 72 29.94 2.31 2.77
CA LEU B 72 28.86 1.91 1.90
C LEU B 72 28.57 0.41 2.06
N LEU B 73 27.32 0.06 2.23
CA LEU B 73 26.95 -1.32 2.51
C LEU B 73 27.42 -2.26 1.41
N ALA B 74 27.31 -1.83 0.15
CA ALA B 74 27.69 -2.69 -0.96
C ALA B 74 29.19 -2.95 -1.01
N HIS B 75 30.00 -2.09 -0.39
CA HIS B 75 31.43 -2.38 -0.27
C HIS B 75 31.67 -3.23 0.95
N PHE B 76 30.91 -2.99 2.00
CA PHE B 76 31.21 -3.68 3.25
C PHE B 76 30.88 -5.16 3.11
N VAL B 77 29.85 -5.48 2.35
CA VAL B 77 29.43 -6.86 2.17
C VAL B 77 30.54 -7.65 1.46
N LYS B 78 31.30 -6.98 0.61
CA LYS B 78 32.39 -7.65 -0.07
C LYS B 78 33.54 -7.85 0.89
N GLU B 79 33.76 -6.85 1.75
CA GLU B 79 34.84 -6.94 2.71
C GLU B 79 34.53 -8.05 3.72
N GLN B 80 33.25 -8.35 3.88
CA GLN B 80 32.88 -9.43 4.78
C GLN B 80 32.77 -10.75 4.00
N LYS B 81 32.94 -10.67 2.68
CA LYS B 81 32.81 -11.83 1.81
C LYS B 81 31.45 -12.54 2.06
N ALA B 82 30.38 -11.77 2.21
CA ALA B 82 29.05 -12.31 2.41
C ALA B 82 28.33 -12.35 1.09
N ASN B 83 27.54 -13.40 0.86
CA ASN B 83 26.86 -13.52 -0.44
C ASN B 83 25.36 -13.26 -0.38
N VAL B 84 24.82 -13.02 0.82
CA VAL B 84 23.39 -12.79 0.96
C VAL B 84 23.04 -11.62 1.87
N PHE B 85 22.10 -10.80 1.44
CA PHE B 85 21.53 -9.81 2.34
C PHE B 85 20.30 -10.38 2.99
N LEU B 86 20.15 -10.12 4.28
CA LEU B 86 18.91 -10.38 4.98
C LEU B 86 18.25 -9.07 5.36
N ARG B 87 16.97 -8.94 5.03
CA ARG B 87 16.21 -7.81 5.52
C ARG B 87 14.83 -8.23 6.07
N GLY B 88 14.24 -7.40 6.92
CA GLY B 88 12.94 -7.69 7.47
C GLY B 88 11.82 -6.96 6.79
N LEU B 89 10.66 -7.61 6.66
CA LEU B 89 9.46 -6.97 6.14
C LEU B 89 8.29 -6.98 7.12
N ARG B 90 7.96 -5.83 7.69
CA ARG B 90 6.83 -5.73 8.63
C ARG B 90 5.58 -5.20 7.94
N ALA B 91 5.78 -4.34 6.94
CA ALA B 91 4.68 -3.62 6.34
C ALA B 91 5.03 -3.11 4.93
N VAL B 92 4.01 -2.63 4.21
CA VAL B 92 4.17 -2.12 2.85
C VAL B 92 5.27 -1.06 2.78
N SER B 93 5.44 -0.32 3.86
CA SER B 93 6.50 0.67 3.94
C SER B 93 7.87 0.00 3.87
N ASP B 94 8.05 -1.09 4.60
CA ASP B 94 9.31 -1.82 4.55
C ASP B 94 9.49 -2.41 3.16
N PHE B 95 8.43 -3.05 2.68
CA PHE B 95 8.49 -3.81 1.45
C PHE B 95 8.96 -2.97 0.31
N GLU B 96 8.40 -1.79 0.18
CA GLU B 96 8.81 -0.90 -0.88
C GLU B 96 10.24 -0.40 -0.80
N TYR B 97 10.66 -0.01 0.39
CA TYR B 97 11.99 0.50 0.55
C TYR B 97 13.00 -0.65 0.28
N GLU B 98 12.72 -1.82 0.85
CA GLU B 98 13.58 -2.99 0.66
C GLU B 98 13.59 -3.45 -0.81
N PHE B 99 12.45 -3.28 -1.49
CA PHE B 99 12.33 -3.64 -2.90
C PHE B 99 13.23 -2.71 -3.71
N GLN B 100 13.24 -1.43 -3.34
CA GLN B 100 14.03 -0.43 -4.05
C GLN B 100 15.50 -0.62 -3.69
N LEU B 101 15.79 -0.88 -2.42
CA LEU B 101 17.17 -1.05 -2.02
C LEU B 101 17.79 -2.32 -2.65
N ALA B 102 16.98 -3.33 -2.91
CA ALA B 102 17.52 -4.55 -3.47
C ALA B 102 17.85 -4.38 -4.96
N ASN B 103 17.04 -3.62 -5.70
CA ASN B 103 17.36 -3.40 -7.11
C ASN B 103 18.62 -2.54 -7.25
N MET B 104 18.83 -1.63 -6.30
CA MET B 104 19.99 -0.76 -6.31
C MET B 104 21.22 -1.54 -5.89
N ASN B 105 21.08 -2.40 -4.89
CA ASN B 105 22.23 -3.21 -4.49
C ASN B 105 22.58 -4.26 -5.54
N ARG B 106 21.60 -4.64 -6.35
CA ARG B 106 21.88 -5.54 -7.46
C ARG B 106 22.82 -4.88 -8.45
N GLN B 107 22.70 -3.57 -8.60
CA GLN B 107 23.62 -2.83 -9.44
C GLN B 107 25.00 -2.72 -8.78
N LEU B 108 25.04 -2.45 -7.48
CA LEU B 108 26.31 -2.18 -6.82
C LEU B 108 27.07 -3.45 -6.41
N ALA B 109 26.30 -4.50 -6.12
CA ALA B 109 26.88 -5.75 -5.67
C ALA B 109 26.09 -6.89 -6.30
N PRO B 110 26.37 -7.17 -7.58
CA PRO B 110 25.57 -8.07 -8.42
C PRO B 110 25.68 -9.53 -8.00
N ASP B 111 26.68 -9.86 -7.19
CA ASP B 111 26.88 -11.24 -6.76
C ASP B 111 26.30 -11.52 -5.38
N VAL B 112 25.52 -10.59 -4.85
CA VAL B 112 24.93 -10.73 -3.53
C VAL B 112 23.41 -10.82 -3.61
N GLU B 113 22.87 -11.85 -2.98
CA GLU B 113 21.43 -12.04 -3.02
C GLU B 113 20.77 -11.18 -1.94
N SER B 114 19.56 -10.71 -2.22
CA SER B 114 18.75 -10.02 -1.22
C SER B 114 17.61 -10.88 -0.83
N MET B 115 17.50 -11.18 0.45
CA MET B 115 16.48 -12.08 0.95
C MET B 115 15.71 -11.48 2.12
N PHE B 116 14.45 -11.89 2.25
CA PHE B 116 13.58 -11.27 3.23
C PHE B 116 12.88 -12.29 4.09
N LEU B 117 12.67 -11.91 5.35
CA LEU B 117 11.84 -12.66 6.28
C LEU B 117 10.76 -11.72 6.79
N THR B 118 9.64 -12.27 7.22
CA THR B 118 8.59 -11.49 7.87
C THR B 118 8.55 -11.87 9.34
N PRO B 119 8.10 -10.94 10.20
CA PRO B 119 8.18 -11.22 11.64
C PRO B 119 7.07 -12.15 12.13
N SER B 120 7.27 -12.79 13.28
CA SER B 120 6.19 -13.49 13.94
C SER B 120 5.20 -12.42 14.29
N GLU B 121 3.91 -12.72 14.25
CA GLU B 121 2.90 -11.69 14.50
C GLU B 121 3.09 -11.05 15.87
N LYS B 122 3.72 -11.79 16.78
CA LYS B 122 4.02 -11.32 18.13
C LYS B 122 5.01 -10.12 18.19
N TYR B 123 5.86 -9.96 17.18
CA TYR B 123 6.81 -8.84 17.13
C TYR B 123 6.60 -7.90 15.94
N SER B 124 5.50 -8.09 15.24
CA SER B 124 5.27 -7.47 13.95
C SER B 124 5.23 -5.95 14.00
N PHE B 125 4.73 -5.41 15.11
CA PHE B 125 4.48 -3.99 15.26
C PHE B 125 5.63 -3.25 15.91
N ILE B 126 6.63 -4.00 16.38
CA ILE B 126 7.75 -3.41 17.12
C ILE B 126 8.64 -2.58 16.20
N SER B 127 8.76 -1.32 16.56
CA SER B 127 9.59 -0.35 15.87
C SER B 127 10.67 0.16 16.79
N SER B 128 11.87 0.41 16.27
CA SER B 128 12.91 0.99 17.09
C SER B 128 12.52 2.39 17.47
N THR B 129 11.91 3.06 16.51
CA THR B 129 11.43 4.40 16.69
C THR B 129 10.38 4.45 17.78
N LEU B 130 9.49 3.48 17.79
CA LEU B 130 8.46 3.49 18.79
C LEU B 130 9.05 3.22 20.16
N VAL B 131 9.92 2.21 20.22
CA VAL B 131 10.56 1.87 21.48
C VAL B 131 11.31 3.09 22.02
N ARG B 132 12.09 3.77 21.18
CA ARG B 132 12.79 4.98 21.62
C ARG B 132 11.83 6.06 22.16
N GLU B 133 10.76 6.31 21.42
CA GLU B 133 9.84 7.38 21.79
C GLU B 133 9.08 7.04 23.06
N ILE B 134 8.73 5.77 23.24
CA ILE B 134 8.06 5.38 24.48
C ILE B 134 9.01 5.44 25.69
N ALA B 135 10.24 4.97 25.53
CA ALA B 135 11.19 4.98 26.62
C ALA B 135 11.54 6.41 27.02
N ALA B 136 11.68 7.29 26.05
CA ALA B 136 11.95 8.70 26.35
C ALA B 136 10.86 9.37 27.22
N LEU B 137 9.65 8.82 27.22
CA LEU B 137 8.54 9.38 28.00
C LEU B 137 8.21 8.50 29.20
N GLY B 138 9.13 7.59 29.53
CA GLY B 138 8.98 6.73 30.69
C GLY B 138 7.94 5.64 30.59
N GLY B 139 7.50 5.33 29.37
CA GLY B 139 6.58 4.21 29.23
C GLY B 139 7.35 2.90 29.30
N ASP B 140 6.69 1.85 29.76
CA ASP B 140 7.35 0.55 29.90
C ASP B 140 7.54 -0.15 28.57
N ILE B 141 8.80 -0.33 28.20
CA ILE B 141 9.14 -1.02 26.95
C ILE B 141 9.75 -2.38 27.11
N SER B 142 9.58 -3.02 28.27
CA SER B 142 10.26 -4.29 28.55
C SER B 142 9.80 -5.44 27.69
N LYS B 143 8.63 -5.32 27.11
CA LYS B 143 8.06 -6.40 26.35
C LYS B 143 8.54 -6.36 24.91
N PHE B 144 9.23 -5.30 24.52
CA PHE B 144 9.61 -5.21 23.11
C PHE B 144 11.10 -5.38 22.94
N VAL B 145 11.83 -5.48 24.05
CA VAL B 145 13.29 -5.59 23.96
C VAL B 145 13.86 -6.55 24.99
N HIS B 146 15.12 -6.91 24.78
CA HIS B 146 15.86 -7.80 25.65
C HIS B 146 16.16 -7.06 26.94
N PRO B 147 16.31 -7.81 28.04
CA PRO B 147 16.58 -7.16 29.32
C PRO B 147 17.78 -6.24 29.30
N ALA B 148 18.88 -6.59 28.65
CA ALA B 148 20.01 -5.64 28.68
C ALA B 148 19.64 -4.34 27.93
N VAL B 149 18.81 -4.45 26.90
CA VAL B 149 18.39 -3.28 26.13
C VAL B 149 17.44 -2.41 26.94
N ALA B 150 16.55 -3.04 27.70
CA ALA B 150 15.68 -2.28 28.58
C ALA B 150 16.52 -1.45 29.57
N ASP B 151 17.54 -2.07 30.16
CA ASP B 151 18.40 -1.36 31.12
C ASP B 151 19.09 -0.20 30.43
N ALA B 152 19.59 -0.46 29.23
CA ALA B 152 20.26 0.58 28.45
C ALA B 152 19.31 1.75 28.13
N LEU B 153 18.03 1.49 27.90
CA LEU B 153 17.12 2.61 27.66
C LEU B 153 16.86 3.38 28.93
N ALA B 154 16.73 2.66 30.05
CA ALA B 154 16.43 3.31 31.32
C ALA B 154 17.54 4.25 31.67
N GLU B 155 18.76 3.75 31.50
CA GLU B 155 19.95 4.51 31.79
C GLU B 155 20.12 5.68 30.83
N ARG B 156 19.75 5.50 29.57
CA ARG B 156 20.03 6.54 28.59
C ARG B 156 19.29 7.87 28.86
N PHE B 157 18.15 7.81 29.55
CA PHE B 157 17.42 9.05 29.81
C PHE B 157 17.58 9.49 31.27
N LYS B 158 18.66 9.03 31.90
CA LYS B 158 18.96 9.36 33.28
C LYS B 158 20.46 9.26 33.52
N ASN C 2 -0.16 23.01 -25.29
CA ASN C 2 0.18 22.42 -23.97
C ASN C 2 1.54 22.78 -23.47
N ARG C 3 1.56 23.31 -22.26
CA ARG C 3 2.81 23.67 -21.63
C ARG C 3 2.91 22.89 -20.34
N VAL C 4 3.87 21.98 -20.23
CA VAL C 4 3.88 21.21 -19.01
C VAL C 4 4.99 21.67 -18.06
N LEU C 5 4.67 21.66 -16.78
CA LEU C 5 5.61 22.09 -15.75
C LEU C 5 5.95 20.91 -14.84
N TYR C 6 7.22 20.54 -14.82
CA TYR C 6 7.73 19.42 -14.02
C TYR C 6 8.48 19.94 -12.82
N PRO C 7 7.80 20.04 -11.67
CA PRO C 7 8.46 20.66 -10.51
C PRO C 7 9.16 19.64 -9.63
N GLY C 8 10.25 20.03 -9.00
CA GLY C 8 10.96 19.13 -8.11
C GLY C 8 12.10 19.77 -7.37
N THR C 9 12.75 18.97 -6.53
CA THR C 9 13.90 19.46 -5.81
C THR C 9 15.18 19.23 -6.59
N PHE C 10 15.24 18.12 -7.32
CA PHE C 10 16.40 17.85 -8.19
C PHE C 10 17.75 18.04 -7.49
N ASP C 11 17.94 17.33 -6.38
CA ASP C 11 19.17 17.49 -5.61
C ASP C 11 19.95 16.19 -5.55
N PRO C 12 20.67 15.85 -6.64
CA PRO C 12 20.68 16.56 -7.91
C PRO C 12 19.73 15.87 -8.88
N ILE C 13 19.59 16.36 -10.10
CA ILE C 13 18.76 15.69 -11.11
C ILE C 13 19.42 14.38 -11.53
N THR C 14 18.60 13.36 -11.77
CA THR C 14 19.08 11.99 -11.98
C THR C 14 18.61 11.42 -13.31
N LYS C 15 19.05 10.22 -13.62
CA LYS C 15 18.59 9.57 -14.83
C LYS C 15 17.12 9.22 -14.67
N GLY C 16 16.63 9.21 -13.44
CA GLY C 16 15.22 8.91 -13.26
C GLY C 16 14.41 10.10 -13.72
N HIS C 17 14.82 11.29 -13.31
CA HIS C 17 14.17 12.52 -13.74
C HIS C 17 14.30 12.66 -15.24
N GLY C 18 15.49 12.35 -15.74
CA GLY C 18 15.80 12.53 -17.14
C GLY C 18 14.95 11.70 -18.08
N ASP C 19 14.62 10.48 -17.68
CA ASP C 19 13.76 9.68 -18.51
C ASP C 19 12.40 10.33 -18.65
N LEU C 20 11.89 10.84 -17.54
CA LEU C 20 10.59 11.50 -17.52
C LEU C 20 10.61 12.76 -18.36
N ILE C 21 11.76 13.44 -18.40
CA ILE C 21 11.89 14.67 -19.14
C ILE C 21 11.99 14.32 -20.64
N GLU C 22 12.68 13.23 -20.94
CA GLU C 22 12.82 12.77 -22.33
C GLU C 22 11.45 12.47 -22.90
N ARG C 23 10.66 11.77 -22.10
CA ARG C 23 9.36 11.31 -22.53
C ARG C 23 8.39 12.45 -22.60
N ALA C 24 8.54 13.41 -21.69
CA ALA C 24 7.62 14.54 -21.68
C ALA C 24 7.90 15.50 -22.83
N SER C 25 9.17 15.71 -23.14
CA SER C 25 9.54 16.60 -24.22
C SER C 25 9.04 16.06 -25.57
N ARG C 26 8.89 14.74 -25.67
CA ARG C 26 8.43 14.17 -26.93
C ARG C 26 6.91 14.26 -26.99
N LEU C 27 6.28 14.58 -25.86
CA LEU C 27 4.83 14.56 -25.81
C LEU C 27 4.19 15.95 -25.86
N PHE C 28 4.90 16.97 -25.35
CA PHE C 28 4.34 18.31 -25.23
C PHE C 28 5.14 19.35 -25.99
N ASP C 29 4.50 20.48 -26.24
CA ASP C 29 5.12 21.56 -26.98
C ASP C 29 6.22 22.22 -26.18
N HIS C 30 5.98 22.41 -24.89
CA HIS C 30 6.92 23.09 -24.03
C HIS C 30 6.98 22.40 -22.68
N VAL C 31 8.19 22.03 -22.28
CA VAL C 31 8.40 21.40 -20.98
C VAL C 31 9.26 22.27 -20.09
N ILE C 32 8.73 22.63 -18.93
CA ILE C 32 9.48 23.42 -17.97
C ILE C 32 9.84 22.64 -16.73
N ILE C 33 11.15 22.61 -16.45
CA ILE C 33 11.68 22.03 -15.25
C ILE C 33 11.77 23.13 -14.22
N ALA C 34 10.91 23.05 -13.22
CA ALA C 34 10.84 24.06 -12.20
C ALA C 34 11.58 23.54 -10.96
N VAL C 35 12.76 24.08 -10.70
CA VAL C 35 13.55 23.60 -9.57
C VAL C 35 13.19 24.39 -8.32
N ALA C 36 12.62 23.70 -7.34
CA ALA C 36 12.16 24.34 -6.09
C ALA C 36 13.35 24.61 -5.17
N ALA C 37 13.34 25.76 -4.51
CA ALA C 37 14.40 26.12 -3.58
C ALA C 37 14.51 25.06 -2.49
N SER C 38 13.36 24.73 -1.88
CA SER C 38 13.26 23.63 -0.92
C SER C 38 14.15 23.83 0.29
N PRO C 39 14.13 25.04 0.89
CA PRO C 39 15.06 25.33 1.98
C PRO C 39 14.87 24.32 3.10
N LYS C 40 13.63 23.84 3.20
CA LYS C 40 13.23 22.87 4.22
C LYS C 40 13.86 21.49 4.04
N LYS C 41 14.15 21.12 2.80
CA LYS C 41 14.81 19.84 2.55
C LYS C 41 16.31 19.92 2.79
N ASN C 42 16.83 21.08 3.23
CA ASN C 42 18.28 21.26 3.32
C ASN C 42 19.09 20.67 2.16
N PRO C 43 18.89 21.20 0.95
CA PRO C 43 19.47 20.57 -0.25
C PRO C 43 20.98 20.51 -0.28
N LEU C 44 21.51 19.43 -0.83
CA LEU C 44 22.97 19.26 -0.93
C LEU C 44 23.55 20.32 -1.86
N PHE C 45 22.91 20.48 -3.03
CA PHE C 45 23.34 21.48 -3.98
C PHE C 45 22.49 22.73 -3.88
N SER C 46 23.10 23.85 -4.18
CA SER C 46 22.39 25.11 -4.19
C SER C 46 21.39 25.12 -5.33
N LEU C 47 20.42 26.02 -5.24
CA LEU C 47 19.42 26.17 -6.29
C LEU C 47 20.07 26.50 -7.60
N GLU C 48 20.98 27.45 -7.54
CA GLU C 48 21.68 27.88 -8.72
C GLU C 48 22.44 26.70 -9.31
N GLN C 49 23.03 25.88 -8.46
CA GLN C 49 23.71 24.71 -8.95
C GLN C 49 22.75 23.63 -9.50
N ARG C 50 21.65 23.37 -8.81
CA ARG C 50 20.69 22.34 -9.28
C ARG C 50 20.09 22.71 -10.63
N VAL C 51 19.78 23.99 -10.80
CA VAL C 51 19.30 24.53 -12.06
C VAL C 51 20.32 24.32 -13.18
N ALA C 52 21.59 24.61 -12.87
CA ALA C 52 22.63 24.49 -13.88
C ALA C 52 22.83 23.03 -14.28
N LEU C 53 22.81 22.13 -13.30
CA LEU C 53 22.93 20.70 -13.60
C LEU C 53 21.74 20.23 -14.42
N ALA C 54 20.55 20.72 -14.09
CA ALA C 54 19.36 20.34 -14.84
C ALA C 54 19.43 20.86 -16.27
N GLN C 55 20.06 22.02 -16.48
CA GLN C 55 20.21 22.58 -17.81
C GLN C 55 21.21 21.79 -18.64
N GLU C 56 22.31 21.41 -18.01
CA GLU C 56 23.38 20.73 -18.70
C GLU C 56 22.93 19.37 -19.23
N VAL C 57 22.06 18.68 -18.49
CA VAL C 57 21.60 17.34 -18.85
C VAL C 57 20.44 17.42 -19.83
N THR C 58 19.94 18.63 -20.09
CA THR C 58 18.79 18.80 -20.96
C THR C 58 19.08 19.67 -22.18
N LYS C 59 20.36 19.97 -22.42
CA LYS C 59 20.85 20.84 -23.50
C LYS C 59 20.37 20.42 -24.87
N HIS C 60 20.22 19.11 -25.04
CA HIS C 60 19.85 18.53 -26.32
C HIS C 60 18.37 18.53 -26.62
N LEU C 61 17.55 19.06 -25.71
CA LEU C 61 16.12 19.10 -25.96
C LEU C 61 15.65 20.52 -26.17
N PRO C 62 15.13 20.81 -27.36
CA PRO C 62 14.85 22.20 -27.71
C PRO C 62 13.63 22.73 -27.02
N ASN C 63 12.62 21.89 -26.77
CA ASN C 63 11.39 22.43 -26.21
C ASN C 63 11.34 22.38 -24.68
N VAL C 64 12.51 22.21 -24.08
CA VAL C 64 12.67 22.11 -22.63
C VAL C 64 13.49 23.23 -22.02
N GLU C 65 12.96 23.85 -20.97
CA GLU C 65 13.64 24.91 -20.26
C GLU C 65 13.74 24.63 -18.78
N VAL C 66 14.76 25.18 -18.14
CA VAL C 66 14.91 24.98 -16.71
C VAL C 66 14.86 26.31 -15.98
N VAL C 67 14.11 26.35 -14.88
CA VAL C 67 13.98 27.56 -14.09
C VAL C 67 13.84 27.29 -12.59
N GLY C 68 14.45 28.15 -11.79
CA GLY C 68 14.38 28.09 -10.34
C GLY C 68 13.27 28.94 -9.78
N PHE C 69 12.72 28.54 -8.64
CA PHE C 69 11.64 29.27 -8.02
C PHE C 69 11.58 28.94 -6.54
N SER C 70 11.05 29.86 -5.75
CA SER C 70 10.98 29.70 -4.29
C SER C 70 9.61 30.04 -3.83
N THR C 71 8.71 30.22 -4.78
CA THR C 71 7.33 30.58 -4.44
C THR C 71 6.42 29.35 -4.40
N LEU C 72 5.16 29.56 -4.05
CA LEU C 72 4.17 28.49 -3.99
C LEU C 72 4.00 27.88 -5.38
N LEU C 73 4.03 26.56 -5.46
CA LEU C 73 3.98 25.92 -6.76
C LEU C 73 2.69 26.28 -7.51
N ALA C 74 1.58 26.40 -6.79
CA ALA C 74 0.31 26.73 -7.43
C ALA C 74 0.31 28.18 -7.94
N HIS C 75 1.12 29.06 -7.36
CA HIS C 75 1.22 30.41 -7.89
C HIS C 75 2.15 30.40 -9.08
N PHE C 76 3.22 29.62 -8.95
CA PHE C 76 4.28 29.66 -9.93
C PHE C 76 3.83 29.02 -11.25
N VAL C 77 3.02 27.97 -11.17
CA VAL C 77 2.57 27.31 -12.39
C VAL C 77 1.66 28.26 -13.19
N LYS C 78 0.94 29.13 -12.48
CA LYS C 78 0.13 30.11 -13.16
C LYS C 78 1.04 31.16 -13.78
N GLU C 79 2.07 31.53 -13.05
CA GLU C 79 2.93 32.57 -13.52
C GLU C 79 3.64 32.09 -14.77
N GLN C 80 3.78 30.79 -14.91
CA GLN C 80 4.44 30.27 -16.09
C GLN C 80 3.39 29.96 -17.15
N LYS C 81 2.11 30.14 -16.80
CA LYS C 81 1.00 29.81 -17.72
C LYS C 81 1.13 28.36 -18.23
N ALA C 82 1.43 27.43 -17.34
CA ALA C 82 1.48 26.02 -17.70
C ALA C 82 0.13 25.45 -17.39
N ASN C 83 -0.38 24.57 -18.22
CA ASN C 83 -1.72 24.03 -17.95
C ASN C 83 -1.64 22.62 -17.41
N VAL C 84 -0.44 22.08 -17.33
CA VAL C 84 -0.26 20.73 -16.80
C VAL C 84 0.91 20.61 -15.86
N PHE C 85 0.69 19.86 -14.78
CA PHE C 85 1.77 19.39 -13.91
C PHE C 85 2.21 18.00 -14.39
N LEU C 86 3.52 17.75 -14.38
CA LEU C 86 4.05 16.41 -14.55
C LEU C 86 4.68 15.99 -13.25
N ARG C 87 4.33 14.81 -12.75
CA ARG C 87 5.00 14.23 -11.61
C ARG C 87 5.29 12.77 -11.93
N GLY C 88 6.25 12.19 -11.24
CA GLY C 88 6.57 10.79 -11.44
C GLY C 88 6.05 9.89 -10.34
N LEU C 89 5.68 8.67 -10.69
CA LEU C 89 5.30 7.68 -9.68
C LEU C 89 6.21 6.43 -9.67
N ARG C 90 7.04 6.28 -8.63
CA ARG C 90 7.90 5.11 -8.52
C ARG C 90 7.31 4.02 -7.62
N ALA C 91 6.52 4.42 -6.63
CA ALA C 91 6.05 3.50 -5.62
C ALA C 91 4.78 4.05 -4.94
N VAL C 92 4.12 3.25 -4.10
CA VAL C 92 2.91 3.72 -3.40
C VAL C 92 3.20 5.03 -2.64
N SER C 93 4.44 5.16 -2.18
CA SER C 93 4.86 6.33 -1.44
C SER C 93 4.67 7.60 -2.27
N ASP C 94 5.10 7.53 -3.51
CA ASP C 94 4.91 8.64 -4.41
C ASP C 94 3.42 8.80 -4.67
N PHE C 95 2.71 7.69 -4.88
CA PHE C 95 1.32 7.80 -5.29
C PHE C 95 0.49 8.50 -4.23
N GLU C 96 0.69 8.12 -2.97
CA GLU C 96 -0.04 8.73 -1.87
C GLU C 96 0.21 10.23 -1.75
N TYR C 97 1.48 10.60 -1.81
CA TYR C 97 1.84 11.98 -1.64
C TYR C 97 1.36 12.79 -2.85
N GLU C 98 1.50 12.24 -4.06
CA GLU C 98 1.07 12.94 -5.27
C GLU C 98 -0.44 13.06 -5.39
N PHE C 99 -1.15 12.05 -4.88
CA PHE C 99 -2.59 12.01 -4.93
C PHE C 99 -3.12 13.14 -4.07
N GLN C 100 -2.48 13.31 -2.93
CA GLN C 100 -2.90 14.31 -1.98
C GLN C 100 -2.50 15.71 -2.51
N LEU C 101 -1.33 15.79 -3.15
CA LEU C 101 -0.87 17.07 -3.64
C LEU C 101 -1.67 17.58 -4.85
N ALA C 102 -2.22 16.67 -5.64
CA ALA C 102 -2.98 17.05 -6.82
C ALA C 102 -4.35 17.56 -6.42
N ASN C 103 -4.92 16.95 -5.39
CA ASN C 103 -6.21 17.38 -4.91
C ASN C 103 -6.08 18.76 -4.25
N MET C 104 -4.91 19.02 -3.66
CA MET C 104 -4.68 20.28 -3.00
C MET C 104 -4.44 21.39 -4.02
N ASN C 105 -3.70 21.08 -5.07
CA ASN C 105 -3.45 22.04 -6.14
C ASN C 105 -4.69 22.29 -6.98
N ARG C 106 -5.61 21.32 -6.99
CA ARG C 106 -6.86 21.46 -7.69
C ARG C 106 -7.67 22.58 -7.05
N GLN C 107 -7.50 22.74 -5.74
CA GLN C 107 -8.11 23.85 -5.03
C GLN C 107 -7.38 25.17 -5.33
N LEU C 108 -6.06 25.14 -5.35
CA LEU C 108 -5.32 26.39 -5.48
C LEU C 108 -5.19 26.82 -6.95
N ALA C 109 -5.20 25.86 -7.86
CA ALA C 109 -5.05 26.15 -9.27
C ALA C 109 -5.98 25.27 -10.10
N PRO C 110 -7.27 25.63 -10.16
CA PRO C 110 -8.27 24.71 -10.71
C PRO C 110 -8.11 24.41 -12.21
N ASP C 111 -7.43 25.27 -12.94
CA ASP C 111 -7.32 25.03 -14.38
C ASP C 111 -6.00 24.37 -14.80
N VAL C 112 -5.31 23.81 -13.83
CA VAL C 112 -4.06 23.11 -14.10
C VAL C 112 -4.25 21.62 -13.86
N GLU C 113 -3.91 20.83 -14.87
CA GLU C 113 -4.08 19.40 -14.77
C GLU C 113 -2.89 18.79 -14.03
N SER C 114 -3.13 17.71 -13.32
CA SER C 114 -2.04 16.96 -12.75
C SER C 114 -1.95 15.59 -13.41
N MET C 115 -0.82 15.31 -14.04
CA MET C 115 -0.66 14.07 -14.78
C MET C 115 0.62 13.36 -14.36
N PHE C 116 0.65 12.04 -14.48
CA PHE C 116 1.76 11.29 -13.94
C PHE C 116 2.32 10.34 -14.96
N LEU C 117 3.62 10.11 -14.87
CA LEU C 117 4.28 9.06 -15.63
C LEU C 117 4.91 8.10 -14.65
N THR C 118 5.10 6.85 -15.03
CA THR C 118 5.86 5.91 -14.20
C THR C 118 7.21 5.59 -14.88
N PRO C 119 8.23 5.24 -14.10
CA PRO C 119 9.57 5.09 -14.71
C PRO C 119 9.78 3.78 -15.46
N SER C 120 10.75 3.78 -16.37
CA SER C 120 11.19 2.54 -17.00
C SER C 120 11.78 1.70 -15.88
N GLU C 121 11.66 0.38 -15.98
CA GLU C 121 12.09 -0.49 -14.90
C GLU C 121 13.58 -0.28 -14.53
N LYS C 122 14.40 0.19 -15.48
CA LYS C 122 15.78 0.52 -15.17
C LYS C 122 15.99 1.73 -14.21
N TYR C 123 15.04 2.66 -14.14
CA TYR C 123 15.20 3.84 -13.28
C TYR C 123 14.17 3.87 -12.16
N SER C 124 13.49 2.75 -11.96
CA SER C 124 12.34 2.69 -11.07
C SER C 124 12.75 3.03 -9.65
N PHE C 125 13.95 2.60 -9.29
CA PHE C 125 14.45 2.76 -7.93
C PHE C 125 15.35 3.98 -7.71
N ILE C 126 15.68 4.70 -8.79
CA ILE C 126 16.60 5.82 -8.63
C ILE C 126 15.97 6.96 -7.81
N SER C 127 16.63 7.25 -6.70
CA SER C 127 16.23 8.32 -5.79
C SER C 127 17.37 9.32 -5.62
N SER C 128 17.05 10.60 -5.45
CA SER C 128 18.09 11.61 -5.27
C SER C 128 18.75 11.40 -3.93
N THR C 129 17.93 10.98 -2.98
CA THR C 129 18.40 10.68 -1.66
C THR C 129 19.43 9.54 -1.75
N LEU C 130 19.15 8.57 -2.60
CA LEU C 130 20.03 7.42 -2.77
C LEU C 130 21.38 7.77 -3.40
N VAL C 131 21.30 8.55 -4.47
CA VAL C 131 22.49 8.99 -5.17
C VAL C 131 23.39 9.78 -4.24
N ARG C 132 22.82 10.71 -3.49
CA ARG C 132 23.61 11.47 -2.54
C ARG C 132 24.30 10.59 -1.51
N GLU C 133 23.57 9.65 -0.93
CA GLU C 133 24.12 8.86 0.16
C GLU C 133 25.22 7.92 -0.34
N ILE C 134 25.07 7.42 -1.56
CA ILE C 134 26.10 6.58 -2.14
C ILE C 134 27.35 7.38 -2.49
N ALA C 135 27.15 8.57 -3.03
CA ALA C 135 28.29 9.38 -3.45
C ALA C 135 29.11 9.82 -2.25
N ALA C 136 28.42 10.20 -1.18
CA ALA C 136 29.09 10.63 0.05
C ALA C 136 29.95 9.50 0.63
N LEU C 137 29.67 8.29 0.20
CA LEU C 137 30.41 7.13 0.64
C LEU C 137 31.25 6.57 -0.50
N GLY C 138 31.40 7.36 -1.56
CA GLY C 138 32.31 6.99 -2.61
C GLY C 138 31.88 5.81 -3.46
N GLY C 139 30.59 5.52 -3.49
CA GLY C 139 30.13 4.45 -4.36
C GLY C 139 30.08 4.92 -5.79
N ASP C 140 30.08 4.00 -6.73
CA ASP C 140 29.91 4.40 -8.11
C ASP C 140 28.45 4.74 -8.42
N ILE C 141 28.12 5.98 -8.71
CA ILE C 141 26.74 6.31 -9.09
C ILE C 141 26.60 6.69 -10.55
N SER C 142 27.56 6.29 -11.36
CA SER C 142 27.57 6.69 -12.77
C SER C 142 26.42 6.07 -13.56
N LYS C 143 25.83 5.02 -13.02
CA LYS C 143 24.72 4.39 -13.72
C LYS C 143 23.42 5.07 -13.37
N PHE C 144 23.43 5.98 -12.40
CA PHE C 144 22.16 6.53 -12.01
C PHE C 144 22.04 8.01 -12.38
N VAL C 145 23.15 8.63 -12.82
CA VAL C 145 23.10 10.05 -13.15
C VAL C 145 23.97 10.32 -14.36
N HIS C 146 23.76 11.50 -14.93
CA HIS C 146 24.49 11.98 -16.10
C HIS C 146 25.92 12.26 -15.63
N PRO C 147 26.89 12.18 -16.55
CA PRO C 147 28.29 12.40 -16.17
C PRO C 147 28.59 13.74 -15.46
N ALA C 148 27.94 14.82 -15.84
CA ALA C 148 28.17 16.12 -15.18
C ALA C 148 27.75 16.12 -13.73
N VAL C 149 26.67 15.39 -13.44
CA VAL C 149 26.14 15.27 -12.10
C VAL C 149 27.03 14.38 -11.24
N ALA C 150 27.56 13.32 -11.86
CA ALA C 150 28.52 12.48 -11.18
C ALA C 150 29.69 13.34 -10.75
N ASP C 151 30.16 14.17 -11.67
CA ASP C 151 31.28 15.05 -11.37
C ASP C 151 30.94 16.02 -10.27
N ALA C 152 29.72 16.56 -10.31
CA ALA C 152 29.30 17.51 -9.27
C ALA C 152 29.26 16.86 -7.90
N LEU C 153 28.82 15.62 -7.82
CA LEU C 153 28.76 14.95 -6.52
C LEU C 153 30.15 14.66 -5.97
N ALA C 154 31.04 14.21 -6.85
CA ALA C 154 32.39 13.83 -6.43
C ALA C 154 33.14 15.01 -5.85
N GLU C 155 33.06 16.16 -6.52
CA GLU C 155 33.72 17.36 -6.03
C GLU C 155 33.06 17.88 -4.77
N ARG C 156 31.73 17.77 -4.69
CA ARG C 156 31.01 18.28 -3.53
C ARG C 156 31.38 17.50 -2.27
N PHE C 157 31.81 16.25 -2.44
CA PHE C 157 32.22 15.38 -1.33
C PHE C 157 33.74 15.25 -1.27
N LYS C 158 34.41 16.34 -1.65
CA LYS C 158 35.86 16.41 -1.77
C LYS C 158 36.32 17.82 -1.43
N MET D 1 21.43 -29.70 3.67
CA MET D 1 21.13 -29.11 4.96
C MET D 1 19.87 -28.25 4.87
N ASN D 2 19.83 -27.37 3.86
CA ASN D 2 18.59 -26.66 3.57
C ASN D 2 17.85 -27.22 2.38
N ARG D 3 16.59 -27.53 2.58
CA ARG D 3 15.78 -27.99 1.47
C ARG D 3 14.64 -27.02 1.34
N VAL D 4 14.61 -26.32 0.21
CA VAL D 4 13.60 -25.29 0.03
C VAL D 4 12.49 -25.74 -0.92
N LEU D 5 11.26 -25.36 -0.57
CA LEU D 5 10.10 -25.73 -1.36
C LEU D 5 9.44 -24.45 -1.90
N TYR D 6 9.36 -24.35 -3.22
CA TYR D 6 8.76 -23.20 -3.90
C TYR D 6 7.41 -23.62 -4.43
N PRO D 7 6.32 -23.33 -3.70
CA PRO D 7 5.02 -23.80 -4.18
C PRO D 7 4.31 -22.74 -5.02
N GLY D 8 3.52 -23.18 -5.99
CA GLY D 8 2.79 -22.24 -6.81
C GLY D 8 1.83 -22.95 -7.71
N THR D 9 1.11 -22.18 -8.52
CA THR D 9 0.20 -22.76 -9.48
C THR D 9 0.90 -23.00 -10.81
N PHE D 10 1.82 -22.11 -11.15
CA PHE D 10 2.65 -22.28 -12.36
C PHE D 10 1.79 -22.57 -13.58
N ASP D 11 0.84 -21.69 -13.88
CA ASP D 11 -0.06 -21.89 -15.00
C ASP D 11 0.08 -20.79 -16.03
N PRO D 12 1.14 -20.86 -16.87
CA PRO D 12 2.23 -21.84 -16.85
C PRO D 12 3.42 -21.24 -16.12
N ILE D 13 4.52 -21.98 -16.01
CA ILE D 13 5.72 -21.44 -15.39
C ILE D 13 6.30 -20.38 -16.29
N THR D 14 6.85 -19.35 -15.65
CA THR D 14 7.18 -18.11 -16.29
C THR D 14 8.67 -17.72 -16.14
N LYS D 15 9.15 -16.71 -16.85
CA LYS D 15 10.54 -16.31 -16.68
C LYS D 15 10.75 -15.64 -15.33
N GLY D 16 9.67 -15.16 -14.72
CA GLY D 16 9.74 -14.57 -13.39
C GLY D 16 9.95 -15.67 -12.37
N HIS D 17 9.19 -16.75 -12.52
CA HIS D 17 9.37 -17.92 -11.68
C HIS D 17 10.78 -18.42 -11.89
N GLY D 18 11.21 -18.44 -13.15
CA GLY D 18 12.50 -19.01 -13.51
C GLY D 18 13.71 -18.33 -12.90
N ASP D 19 13.66 -17.01 -12.78
CA ASP D 19 14.73 -16.26 -12.16
C ASP D 19 14.86 -16.62 -10.68
N LEU D 20 13.72 -16.76 -10.02
CA LEU D 20 13.71 -17.15 -8.61
C LEU D 20 14.25 -18.56 -8.42
N ILE D 21 14.02 -19.42 -9.40
CA ILE D 21 14.45 -20.80 -9.28
C ILE D 21 15.95 -20.84 -9.50
N GLU D 22 16.42 -20.01 -10.43
CA GLU D 22 17.84 -19.91 -10.69
C GLU D 22 18.59 -19.39 -9.47
N ARG D 23 18.02 -18.39 -8.83
CA ARG D 23 18.69 -17.75 -7.71
C ARG D 23 18.66 -18.66 -6.50
N ALA D 24 17.58 -19.43 -6.36
CA ALA D 24 17.44 -20.33 -5.22
C ALA D 24 18.33 -21.54 -5.35
N SER D 25 18.49 -22.04 -6.56
CA SER D 25 19.35 -23.21 -6.79
C SER D 25 20.79 -22.88 -6.45
N ARG D 26 21.17 -21.62 -6.55
CA ARG D 26 22.53 -21.21 -6.24
C ARG D 26 22.70 -21.05 -4.74
N LEU D 27 21.57 -21.00 -4.03
CA LEU D 27 21.55 -20.68 -2.62
C LEU D 27 21.32 -21.87 -1.71
N PHE D 28 20.58 -22.87 -2.19
CA PHE D 28 20.22 -24.01 -1.37
C PHE D 28 20.68 -25.35 -1.92
N ASP D 29 20.72 -26.34 -1.04
CA ASP D 29 21.17 -27.67 -1.42
C ASP D 29 20.18 -28.36 -2.32
N HIS D 30 18.91 -28.21 -1.99
CA HIS D 30 17.83 -28.89 -2.68
C HIS D 30 16.67 -27.93 -2.84
N VAL D 31 16.22 -27.75 -4.08
CA VAL D 31 15.08 -26.91 -4.37
C VAL D 31 13.94 -27.74 -4.95
N ILE D 32 12.79 -27.73 -4.28
CA ILE D 32 11.63 -28.43 -4.79
C ILE D 32 10.54 -27.47 -5.24
N ILE D 33 10.14 -27.61 -6.49
CA ILE D 33 9.06 -26.85 -7.07
C ILE D 33 7.78 -27.65 -6.87
N ALA D 34 6.92 -27.14 -6.01
CA ALA D 34 5.73 -27.88 -5.67
C ALA D 34 4.56 -27.25 -6.43
N VAL D 35 4.09 -27.93 -7.46
CA VAL D 35 3.02 -27.39 -8.27
C VAL D 35 1.67 -27.80 -7.72
N ALA D 36 0.90 -26.82 -7.25
CA ALA D 36 -0.40 -27.06 -6.65
C ALA D 36 -1.44 -27.32 -7.73
N ALA D 37 -2.29 -28.32 -7.51
CA ALA D 37 -3.34 -28.64 -8.46
C ALA D 37 -4.21 -27.40 -8.68
N SER D 38 -4.61 -26.77 -7.57
CA SER D 38 -5.31 -25.49 -7.59
C SER D 38 -6.62 -25.53 -8.36
N PRO D 39 -7.45 -26.55 -8.08
CA PRO D 39 -8.66 -26.76 -8.88
C PRO D 39 -9.56 -25.53 -8.80
N LYS D 40 -9.47 -24.83 -7.68
CA LYS D 40 -10.25 -23.65 -7.38
C LYS D 40 -9.83 -22.47 -8.27
N LYS D 41 -8.84 -22.70 -9.14
CA LYS D 41 -8.42 -21.66 -10.06
C LYS D 41 -8.77 -21.99 -11.49
N ASN D 42 -9.43 -23.12 -11.69
CA ASN D 42 -9.68 -23.63 -13.03
C ASN D 42 -8.51 -23.35 -13.98
N PRO D 43 -7.35 -23.96 -13.71
CA PRO D 43 -6.09 -23.67 -14.39
C PRO D 43 -6.13 -23.96 -15.88
N LEU D 44 -5.42 -23.15 -16.66
CA LEU D 44 -5.40 -23.37 -18.09
C LEU D 44 -4.77 -24.71 -18.43
N PHE D 45 -3.60 -25.00 -17.87
CA PHE D 45 -2.95 -26.27 -18.11
C PHE D 45 -3.21 -27.24 -16.98
N SER D 46 -3.25 -28.52 -17.33
CA SER D 46 -3.41 -29.56 -16.32
C SER D 46 -2.18 -29.63 -15.42
N LEU D 47 -2.36 -30.25 -14.26
CA LEU D 47 -1.27 -30.42 -13.31
C LEU D 47 -0.10 -31.15 -13.96
N GLU D 48 -0.45 -32.19 -14.70
CA GLU D 48 0.51 -32.99 -15.42
C GLU D 48 1.31 -32.13 -16.38
N GLN D 49 0.61 -31.26 -17.08
CA GLN D 49 1.25 -30.38 -18.06
C GLN D 49 2.10 -29.30 -17.37
N ARG D 50 1.60 -28.72 -16.29
CA ARG D 50 2.34 -27.68 -15.58
C ARG D 50 3.64 -28.24 -14.98
N VAL D 51 3.56 -29.44 -14.43
CA VAL D 51 4.74 -30.13 -13.93
C VAL D 51 5.76 -30.37 -15.01
N ALA D 52 5.29 -30.81 -16.16
CA ALA D 52 6.17 -31.16 -17.26
C ALA D 52 6.87 -29.91 -17.76
N LEU D 53 6.10 -28.83 -17.86
CA LEU D 53 6.62 -27.55 -18.31
C LEU D 53 7.63 -27.01 -17.31
N ALA D 54 7.32 -27.13 -16.03
CA ALA D 54 8.22 -26.67 -14.99
C ALA D 54 9.52 -27.49 -15.00
N GLN D 55 9.43 -28.77 -15.38
CA GLN D 55 10.62 -29.64 -15.45
C GLN D 55 11.53 -29.31 -16.63
N GLU D 56 10.92 -29.05 -17.78
CA GLU D 56 11.66 -28.77 -19.01
C GLU D 56 12.46 -27.48 -18.86
N VAL D 57 11.91 -26.54 -18.10
CA VAL D 57 12.52 -25.24 -17.96
C VAL D 57 13.61 -25.30 -16.87
N THR D 58 13.64 -26.40 -16.12
CA THR D 58 14.59 -26.52 -15.01
C THR D 58 15.57 -27.70 -15.11
N LYS D 59 15.53 -28.43 -16.21
CA LYS D 59 16.37 -29.63 -16.39
C LYS D 59 17.85 -29.31 -16.30
N HIS D 60 18.23 -28.09 -16.61
CA HIS D 60 19.64 -27.71 -16.58
C HIS D 60 20.13 -27.44 -15.15
N LEU D 61 19.24 -27.55 -14.17
CA LEU D 61 19.64 -27.33 -12.78
C LEU D 61 19.61 -28.64 -11.99
N PRO D 62 20.78 -29.09 -11.50
CA PRO D 62 20.83 -30.43 -10.94
C PRO D 62 20.19 -30.55 -9.57
N ASN D 63 20.24 -29.50 -8.74
CA ASN D 63 19.71 -29.62 -7.39
C ASN D 63 18.25 -29.21 -7.28
N VAL D 64 17.58 -29.16 -8.44
CA VAL D 64 16.18 -28.79 -8.54
C VAL D 64 15.28 -29.93 -9.05
N GLU D 65 14.17 -30.14 -8.34
CA GLU D 65 13.20 -31.15 -8.72
C GLU D 65 11.80 -30.58 -8.84
N VAL D 66 10.97 -31.19 -9.66
CA VAL D 66 9.60 -30.72 -9.77
C VAL D 66 8.60 -31.80 -9.39
N VAL D 67 7.63 -31.43 -8.57
CA VAL D 67 6.59 -32.36 -8.17
C VAL D 67 5.23 -31.67 -8.04
N GLY D 68 4.18 -32.38 -8.44
CA GLY D 68 2.81 -31.91 -8.34
C GLY D 68 2.17 -32.35 -7.04
N PHE D 69 1.23 -31.56 -6.53
CA PHE D 69 0.56 -31.94 -5.29
C PHE D 69 -0.78 -31.25 -5.17
N SER D 70 -1.70 -31.88 -4.46
CA SER D 70 -3.00 -31.25 -4.31
C SER D 70 -3.46 -31.36 -2.86
N THR D 71 -2.54 -31.66 -1.97
CA THR D 71 -2.85 -31.69 -0.54
C THR D 71 -2.50 -30.35 0.08
N LEU D 72 -2.78 -30.18 1.38
CA LEU D 72 -2.49 -28.93 2.08
C LEU D 72 -0.98 -28.64 2.05
N LEU D 73 -0.63 -27.41 1.72
CA LEU D 73 0.78 -27.05 1.58
C LEU D 73 1.57 -27.29 2.86
N ALA D 74 0.95 -27.02 4.00
CA ALA D 74 1.65 -27.20 5.27
C ALA D 74 1.87 -28.68 5.60
N HIS D 75 1.03 -29.54 5.05
CA HIS D 75 1.24 -30.98 5.22
C HIS D 75 2.31 -31.42 4.24
N PHE D 76 2.23 -30.87 3.03
CA PHE D 76 3.07 -31.33 1.94
C PHE D 76 4.54 -30.95 2.16
N VAL D 77 4.80 -29.77 2.74
CA VAL D 77 6.17 -29.34 3.00
C VAL D 77 6.80 -30.24 4.06
N LYS D 78 5.99 -30.72 5.00
CA LYS D 78 6.52 -31.65 5.98
C LYS D 78 6.78 -32.96 5.29
N GLU D 79 5.90 -33.32 4.36
CA GLU D 79 6.04 -34.61 3.71
C GLU D 79 7.31 -34.60 2.87
N GLN D 80 7.74 -33.42 2.45
CA GLN D 80 8.95 -33.35 1.66
C GLN D 80 10.15 -33.07 2.59
N LYS D 81 9.86 -32.93 3.89
CA LYS D 81 10.89 -32.61 4.92
C LYS D 81 11.72 -31.39 4.49
N ALA D 82 11.04 -30.37 3.99
CA ALA D 82 11.70 -29.16 3.59
C ALA D 82 11.61 -28.20 4.76
N ASN D 83 12.64 -27.41 4.98
CA ASN D 83 12.60 -26.55 6.15
C ASN D 83 12.32 -25.08 5.81
N VAL D 84 12.27 -24.74 4.54
CA VAL D 84 11.95 -23.37 4.21
C VAL D 84 11.01 -23.27 2.98
N PHE D 85 10.06 -22.34 3.07
CA PHE D 85 9.25 -21.96 1.91
C PHE D 85 9.94 -20.84 1.18
N LEU D 86 9.93 -20.89 -0.15
CA LEU D 86 10.32 -19.77 -0.98
C LEU D 86 9.07 -19.20 -1.63
N ARG D 87 8.89 -17.88 -1.52
CA ARG D 87 7.83 -17.20 -2.25
C ARG D 87 8.39 -15.95 -2.89
N GLY D 88 7.72 -15.46 -3.93
CA GLY D 88 8.16 -14.24 -4.57
C GLY D 88 7.29 -13.03 -4.23
N LEU D 89 7.91 -11.86 -4.13
CA LEU D 89 7.19 -10.60 -3.92
C LEU D 89 7.41 -9.58 -5.06
N ARG D 90 6.38 -9.38 -5.89
CA ARG D 90 6.47 -8.41 -7.01
C ARG D 90 5.90 -7.06 -6.63
N ALA D 91 4.92 -7.04 -5.74
CA ALA D 91 4.19 -5.82 -5.46
C ALA D 91 3.51 -5.90 -4.10
N VAL D 92 2.93 -4.80 -3.66
CA VAL D 92 2.25 -4.76 -2.36
C VAL D 92 1.24 -5.91 -2.20
N SER D 93 0.59 -6.28 -3.29
CA SER D 93 -0.41 -7.34 -3.30
C SER D 93 0.15 -8.70 -2.90
N ASP D 94 1.31 -9.02 -3.44
CA ASP D 94 1.99 -10.24 -3.10
C ASP D 94 2.36 -10.14 -1.63
N PHE D 95 2.87 -8.98 -1.23
CA PHE D 95 3.39 -8.84 0.11
C PHE D 95 2.29 -9.10 1.14
N GLU D 96 1.11 -8.53 0.93
CA GLU D 96 0.02 -8.78 1.86
C GLU D 96 -0.43 -10.21 1.93
N TYR D 97 -0.61 -10.79 0.77
CA TYR D 97 -1.10 -12.12 0.75
C TYR D 97 -0.04 -13.04 1.35
N GLU D 98 1.24 -12.83 1.01
CA GLU D 98 2.28 -13.71 1.53
C GLU D 98 2.51 -13.55 3.02
N PHE D 99 2.30 -12.33 3.52
CA PHE D 99 2.49 -12.05 4.93
C PHE D 99 1.45 -12.80 5.73
N GLN D 100 0.24 -12.81 5.21
CA GLN D 100 -0.86 -13.46 5.86
C GLN D 100 -0.68 -14.99 5.77
N LEU D 101 -0.20 -15.46 4.63
CA LEU D 101 -0.02 -16.89 4.44
C LEU D 101 1.14 -17.44 5.29
N ALA D 102 2.13 -16.60 5.59
CA ALA D 102 3.26 -17.07 6.36
C ALA D 102 2.88 -17.23 7.82
N ASN D 103 2.06 -16.33 8.32
CA ASN D 103 1.66 -16.40 9.72
C ASN D 103 0.74 -17.60 9.90
N MET D 104 0.01 -17.94 8.86
CA MET D 104 -0.91 -19.04 8.92
C MET D 104 -0.15 -20.34 8.87
N ASN D 105 0.90 -20.38 8.05
CA ASN D 105 1.71 -21.58 7.96
C ASN D 105 2.57 -21.80 9.20
N ARG D 106 2.87 -20.72 9.90
CA ARG D 106 3.62 -20.80 11.13
C ARG D 106 2.81 -21.54 12.17
N GLN D 107 1.50 -21.39 12.10
CA GLN D 107 0.62 -22.13 13.00
C GLN D 107 0.56 -23.61 12.59
N LEU D 108 0.47 -23.87 11.30
CA LEU D 108 0.30 -25.23 10.82
C LEU D 108 1.62 -25.98 10.72
N ALA D 109 2.70 -25.25 10.46
CA ALA D 109 4.00 -25.90 10.34
C ALA D 109 5.07 -25.04 11.01
N PRO D 110 5.18 -25.13 12.34
CA PRO D 110 6.00 -24.17 13.09
C PRO D 110 7.49 -24.25 12.80
N ASP D 111 7.96 -25.38 12.28
CA ASP D 111 9.38 -25.54 12.02
C ASP D 111 9.77 -25.29 10.57
N VAL D 112 8.88 -24.66 9.82
CA VAL D 112 9.16 -24.32 8.43
C VAL D 112 9.29 -22.81 8.32
N GLU D 113 10.40 -22.37 7.74
CA GLU D 113 10.62 -20.93 7.58
C GLU D 113 9.91 -20.43 6.32
N SER D 114 9.46 -19.19 6.35
CA SER D 114 8.98 -18.55 5.13
C SER D 114 9.93 -17.45 4.75
N MET D 115 10.49 -17.55 3.55
CA MET D 115 11.44 -16.57 3.05
C MET D 115 11.06 -16.08 1.64
N PHE D 116 11.49 -14.87 1.30
CA PHE D 116 11.03 -14.23 0.08
C PHE D 116 12.15 -13.66 -0.74
N LEU D 117 11.94 -13.69 -2.04
CA LEU D 117 12.82 -12.99 -2.95
C LEU D 117 11.98 -11.97 -3.72
N THR D 118 12.63 -10.91 -4.19
CA THR D 118 11.94 -9.97 -5.07
C THR D 118 12.50 -10.14 -6.47
N PRO D 119 11.69 -9.83 -7.49
CA PRO D 119 12.17 -10.16 -8.84
C PRO D 119 13.20 -9.18 -9.33
N SER D 120 14.01 -9.59 -10.29
CA SER D 120 14.87 -8.65 -10.98
C SER D 120 13.90 -7.72 -11.70
N GLU D 121 14.21 -6.43 -11.80
CA GLU D 121 13.21 -5.48 -12.33
C GLU D 121 12.78 -5.85 -13.75
N LYS D 122 13.63 -6.56 -14.49
CA LYS D 122 13.26 -7.03 -15.82
C LYS D 122 12.12 -8.09 -15.83
N TYR D 123 11.87 -8.78 -14.72
CA TYR D 123 10.75 -9.74 -14.67
C TYR D 123 9.70 -9.31 -13.65
N SER D 124 9.78 -8.08 -13.18
CA SER D 124 8.97 -7.63 -12.05
C SER D 124 7.49 -7.71 -12.34
N PHE D 125 7.15 -7.44 -13.60
CA PHE D 125 5.75 -7.33 -13.99
C PHE D 125 5.20 -8.65 -14.55
N ILE D 126 6.04 -9.66 -14.74
CA ILE D 126 5.53 -10.85 -15.39
C ILE D 126 4.58 -11.66 -14.49
N SER D 127 3.36 -11.85 -14.98
CA SER D 127 2.34 -12.64 -14.30
C SER D 127 1.87 -13.79 -15.18
N SER D 128 1.47 -14.91 -14.59
CA SER D 128 0.96 -16.04 -15.37
C SER D 128 -0.37 -15.65 -16.01
N THR D 129 -1.13 -14.87 -15.26
CA THR D 129 -2.40 -14.37 -15.72
C THR D 129 -2.19 -13.48 -16.94
N LEU D 130 -1.14 -12.67 -16.91
CA LEU D 130 -0.84 -11.78 -18.03
C LEU D 130 -0.40 -12.54 -19.28
N VAL D 131 0.49 -13.50 -19.08
CA VAL D 131 0.96 -14.32 -20.18
C VAL D 131 -0.21 -15.07 -20.82
N ARG D 132 -1.06 -15.67 -20.00
CA ARG D 132 -2.21 -16.38 -20.54
C ARG D 132 -3.11 -15.48 -21.38
N GLU D 133 -3.41 -14.28 -20.88
CA GLU D 133 -4.34 -13.39 -21.56
C GLU D 133 -3.78 -12.87 -22.88
N ILE D 134 -2.46 -12.65 -22.90
CA ILE D 134 -1.80 -12.21 -24.11
C ILE D 134 -1.73 -13.29 -25.16
N ALA D 135 -1.43 -14.52 -24.74
CA ALA D 135 -1.33 -15.61 -25.69
C ALA D 135 -2.68 -15.94 -26.30
N ALA D 136 -3.72 -15.93 -25.46
CA ALA D 136 -5.08 -16.22 -25.88
C ALA D 136 -5.55 -15.25 -26.96
N LEU D 137 -4.88 -14.12 -27.02
CA LEU D 137 -5.17 -13.10 -28.00
C LEU D 137 -4.02 -13.01 -29.01
N GLY D 138 -3.17 -14.03 -29.03
CA GLY D 138 -2.16 -14.11 -30.06
C GLY D 138 -1.03 -13.12 -29.94
N GLY D 139 -0.80 -12.58 -28.76
CA GLY D 139 0.32 -11.67 -28.57
C GLY D 139 1.64 -12.43 -28.49
N ASP D 140 2.74 -11.74 -28.75
CA ASP D 140 4.05 -12.33 -28.56
C ASP D 140 4.42 -12.35 -27.09
N ILE D 141 4.54 -13.53 -26.49
CA ILE D 141 4.96 -13.60 -25.09
C ILE D 141 6.33 -14.20 -24.92
N SER D 142 7.12 -14.22 -25.99
CA SER D 142 8.41 -14.91 -25.94
C SER D 142 9.41 -14.24 -25.00
N LYS D 143 9.18 -12.99 -24.65
CA LYS D 143 10.08 -12.30 -23.74
C LYS D 143 9.71 -12.55 -22.28
N PHE D 144 8.58 -13.21 -22.05
CA PHE D 144 8.16 -13.46 -20.68
C PHE D 144 8.23 -14.94 -20.32
N VAL D 145 8.56 -15.77 -21.30
CA VAL D 145 8.44 -17.18 -21.05
C VAL D 145 9.51 -18.00 -21.81
N HIS D 146 9.77 -19.22 -21.33
CA HIS D 146 10.76 -20.09 -21.96
C HIS D 146 10.13 -20.61 -23.27
N PRO D 147 10.96 -20.91 -24.27
CA PRO D 147 10.38 -21.32 -25.55
C PRO D 147 9.41 -22.51 -25.48
N ALA D 148 9.67 -23.48 -24.61
CA ALA D 148 8.77 -24.62 -24.50
C ALA D 148 7.38 -24.20 -24.02
N VAL D 149 7.34 -23.22 -23.12
CA VAL D 149 6.07 -22.73 -22.58
C VAL D 149 5.32 -21.90 -23.62
N ALA D 150 6.06 -21.09 -24.38
CA ALA D 150 5.49 -20.32 -25.47
C ALA D 150 4.82 -21.24 -26.45
N ASP D 151 5.51 -22.32 -26.79
CA ASP D 151 4.95 -23.28 -27.73
C ASP D 151 3.69 -23.88 -27.13
N ALA D 152 3.74 -24.20 -25.84
CA ALA D 152 2.60 -24.79 -25.16
C ALA D 152 1.39 -23.85 -25.14
N LEU D 153 1.62 -22.54 -24.96
CA LEU D 153 0.48 -21.64 -25.02
C LEU D 153 -0.13 -21.56 -26.43
N ALA D 154 0.73 -21.48 -27.44
CA ALA D 154 0.27 -21.31 -28.81
C ALA D 154 -0.62 -22.47 -29.24
N GLU D 155 -0.18 -23.68 -28.93
CA GLU D 155 -0.95 -24.87 -29.26
C GLU D 155 -2.24 -24.93 -28.44
N ARG D 156 -2.17 -24.50 -27.18
CA ARG D 156 -3.34 -24.62 -26.31
C ARG D 156 -4.48 -23.70 -26.76
N PHE D 157 -4.14 -22.62 -27.46
CA PHE D 157 -5.13 -21.67 -27.99
C PHE D 157 -5.30 -21.90 -29.49
N LYS D 158 -5.11 -23.15 -29.89
CA LYS D 158 -5.36 -23.59 -31.24
C LYS D 158 -5.73 -25.06 -31.20
N ASN E 2 -26.41 4.21 21.12
CA ASN E 2 -25.64 3.75 19.96
C ASN E 2 -25.88 2.30 19.66
N ARG E 3 -26.28 2.03 18.42
CA ARG E 3 -26.50 0.68 17.99
C ARG E 3 -25.61 0.41 16.78
N VAL E 4 -24.67 -0.51 16.92
CA VAL E 4 -23.69 -0.75 15.86
C VAL E 4 -24.00 -2.01 15.09
N LEU E 5 -23.73 -1.98 13.80
CA LEU E 5 -24.02 -3.11 12.91
C LEU E 5 -22.70 -3.61 12.29
N TYR E 6 -22.38 -4.87 12.52
CA TYR E 6 -21.16 -5.49 11.99
C TYR E 6 -21.57 -6.44 10.87
N PRO E 7 -21.45 -5.99 9.62
CA PRO E 7 -21.89 -6.82 8.50
C PRO E 7 -20.74 -7.61 7.87
N GLY E 8 -21.05 -8.81 7.37
CA GLY E 8 -20.04 -9.62 6.71
C GLY E 8 -20.66 -10.86 6.11
N THR E 9 -19.86 -11.67 5.46
CA THR E 9 -20.34 -12.95 4.95
C THR E 9 -20.20 -14.04 6.03
N PHE E 10 -19.17 -13.92 6.87
CA PHE E 10 -18.97 -14.81 8.02
C PHE E 10 -19.11 -16.27 7.60
N ASP E 11 -18.34 -16.67 6.59
CA ASP E 11 -18.44 -18.00 6.02
C ASP E 11 -17.16 -18.80 6.21
N PRO E 12 -16.95 -19.36 7.43
CA PRO E 12 -17.80 -19.19 8.60
C PRO E 12 -17.24 -18.09 9.48
N ILE E 13 -17.90 -17.81 10.59
CA ILE E 13 -17.39 -16.84 11.55
C ILE E 13 -16.13 -17.38 12.24
N THR E 14 -15.16 -16.51 12.46
CA THR E 14 -13.86 -16.94 12.93
C THR E 14 -13.47 -16.23 14.23
N LYS E 15 -12.33 -16.61 14.80
CA LYS E 15 -11.84 -15.95 16.00
C LYS E 15 -11.44 -14.53 15.65
N GLY E 16 -11.23 -14.28 14.37
CA GLY E 16 -10.92 -12.92 13.96
C GLY E 16 -12.17 -12.08 14.11
N HIS E 17 -13.31 -12.59 13.66
CA HIS E 17 -14.56 -11.85 13.83
C HIS E 17 -14.87 -11.70 15.31
N GLY E 18 -14.78 -12.80 16.04
CA GLY E 18 -15.16 -12.83 17.43
C GLY E 18 -14.39 -11.86 18.31
N ASP E 19 -13.11 -11.61 18.01
CA ASP E 19 -12.38 -10.63 18.79
C ASP E 19 -12.97 -9.25 18.62
N LEU E 20 -13.31 -8.91 17.37
CA LEU E 20 -13.91 -7.61 17.07
C LEU E 20 -15.28 -7.49 17.74
N ILE E 21 -15.97 -8.61 17.86
CA ILE E 21 -17.30 -8.57 18.44
C ILE E 21 -17.19 -8.40 19.95
N GLU E 22 -16.20 -9.02 20.56
CA GLU E 22 -15.99 -8.85 21.99
C GLU E 22 -15.66 -7.41 22.30
N ARG E 23 -14.82 -6.80 21.46
CA ARG E 23 -14.42 -5.43 21.70
C ARG E 23 -15.59 -4.50 21.43
N ALA E 24 -16.45 -4.83 20.46
CA ALA E 24 -17.57 -3.94 20.15
C ALA E 24 -18.61 -4.02 21.24
N SER E 25 -18.78 -5.23 21.75
CA SER E 25 -19.75 -5.51 22.80
C SER E 25 -19.49 -4.69 24.07
N ARG E 26 -18.23 -4.35 24.27
CA ARG E 26 -17.76 -3.55 25.41
C ARG E 26 -17.82 -2.06 25.17
N LEU E 27 -17.99 -1.68 23.93
CA LEU E 27 -17.97 -0.28 23.62
C LEU E 27 -19.37 0.25 23.34
N PHE E 28 -20.25 -0.62 22.86
CA PHE E 28 -21.57 -0.15 22.46
C PHE E 28 -22.70 -0.82 23.20
N ASP E 29 -23.82 -0.13 23.22
CA ASP E 29 -24.98 -0.61 23.94
C ASP E 29 -25.58 -1.81 23.20
N HIS E 30 -25.60 -1.75 21.88
CA HIS E 30 -26.24 -2.82 21.12
C HIS E 30 -25.42 -3.11 19.87
N VAL E 31 -25.10 -4.39 19.71
CA VAL E 31 -24.34 -4.87 18.55
C VAL E 31 -25.15 -5.88 17.80
N ILE E 32 -25.34 -5.62 16.51
CA ILE E 32 -26.00 -6.56 15.63
C ILE E 32 -25.04 -7.09 14.58
N ILE E 33 -24.95 -8.40 14.51
CA ILE E 33 -24.14 -9.06 13.52
C ILE E 33 -24.98 -9.33 12.32
N ALA E 34 -24.68 -8.65 11.22
CA ALA E 34 -25.49 -8.78 10.04
C ALA E 34 -24.80 -9.71 9.06
N VAL E 35 -25.32 -10.92 8.96
CA VAL E 35 -24.77 -11.93 8.08
C VAL E 35 -25.39 -11.76 6.72
N ALA E 36 -24.54 -11.38 5.78
CA ALA E 36 -24.98 -11.12 4.41
C ALA E 36 -25.13 -12.42 3.65
N ALA E 37 -26.23 -12.53 2.91
CA ALA E 37 -26.50 -13.71 2.10
C ALA E 37 -25.36 -13.97 1.12
N SER E 38 -25.05 -12.96 0.32
CA SER E 38 -23.88 -13.00 -0.59
C SER E 38 -23.91 -14.18 -1.55
N PRO E 39 -25.04 -14.42 -2.24
CA PRO E 39 -25.15 -15.64 -3.06
C PRO E 39 -24.07 -15.74 -4.12
N LYS E 40 -23.64 -14.59 -4.62
CA LYS E 40 -22.57 -14.54 -5.61
C LYS E 40 -21.16 -14.74 -5.02
N LYS E 41 -21.03 -15.65 -4.07
CA LYS E 41 -19.72 -15.92 -3.51
C LYS E 41 -19.71 -17.40 -3.23
N ASN E 42 -20.83 -18.02 -3.63
CA ASN E 42 -21.15 -19.42 -3.35
C ASN E 42 -20.61 -19.81 -2.01
N PRO E 43 -21.21 -19.25 -0.95
CA PRO E 43 -20.66 -19.44 0.39
C PRO E 43 -20.70 -20.92 0.72
N LEU E 44 -19.70 -21.39 1.47
CA LEU E 44 -19.66 -22.78 1.84
C LEU E 44 -20.90 -23.15 2.63
N PHE E 45 -21.27 -22.32 3.60
CA PHE E 45 -22.48 -22.54 4.42
C PHE E 45 -23.68 -21.68 3.97
N SER E 46 -24.86 -22.22 4.20
CA SER E 46 -26.08 -21.49 3.95
C SER E 46 -26.19 -20.32 4.90
N LEU E 47 -27.07 -19.39 4.56
CA LEU E 47 -27.32 -18.26 5.41
C LEU E 47 -27.79 -18.76 6.78
N GLU E 48 -28.63 -19.79 6.77
CA GLU E 48 -29.13 -20.34 8.03
C GLU E 48 -28.03 -20.87 8.95
N GLN E 49 -27.06 -21.58 8.40
CA GLN E 49 -25.98 -22.10 9.22
C GLN E 49 -25.07 -21.01 9.72
N ARG E 50 -24.73 -20.08 8.83
CA ARG E 50 -23.82 -19.02 9.20
C ARG E 50 -24.42 -18.17 10.32
N VAL E 51 -25.73 -17.90 10.23
CA VAL E 51 -26.43 -17.21 11.31
C VAL E 51 -26.38 -18.06 12.58
N ALA E 52 -26.55 -19.36 12.42
CA ALA E 52 -26.53 -20.25 13.57
C ALA E 52 -25.16 -20.35 14.24
N LEU E 53 -24.09 -20.43 13.45
CA LEU E 53 -22.75 -20.46 14.04
C LEU E 53 -22.41 -19.14 14.74
N ALA E 54 -22.78 -18.01 14.13
CA ALA E 54 -22.47 -16.73 14.71
C ALA E 54 -23.23 -16.54 16.02
N GLN E 55 -24.40 -17.17 16.13
CA GLN E 55 -25.21 -17.08 17.34
C GLN E 55 -24.57 -17.89 18.46
N GLU E 56 -24.13 -19.08 18.11
CA GLU E 56 -23.56 -20.01 19.05
C GLU E 56 -22.27 -19.44 19.65
N VAL E 57 -21.55 -18.71 18.82
CA VAL E 57 -20.23 -18.21 19.17
C VAL E 57 -20.40 -16.93 19.95
N THR E 58 -21.61 -16.40 19.92
CA THR E 58 -21.83 -15.11 20.54
C THR E 58 -22.93 -15.07 21.60
N LYS E 59 -23.56 -16.21 21.86
CA LYS E 59 -24.69 -16.28 22.79
C LYS E 59 -24.35 -15.77 24.18
N HIS E 60 -23.06 -15.85 24.54
CA HIS E 60 -22.63 -15.49 25.87
C HIS E 60 -22.53 -13.98 26.07
N LEU E 61 -22.78 -13.22 25.02
CA LEU E 61 -22.77 -11.75 25.11
C LEU E 61 -24.17 -11.26 25.02
N PRO E 62 -24.61 -10.56 26.06
CA PRO E 62 -26.03 -10.25 26.26
C PRO E 62 -26.49 -9.16 25.31
N ASN E 63 -25.61 -8.24 24.95
CA ASN E 63 -26.00 -7.13 24.08
C ASN E 63 -25.67 -7.39 22.60
N VAL E 64 -25.42 -8.64 22.25
CA VAL E 64 -25.09 -9.00 20.89
C VAL E 64 -26.16 -9.89 20.25
N GLU E 65 -26.57 -9.53 19.03
CA GLU E 65 -27.59 -10.26 18.31
C GLU E 65 -27.12 -10.66 16.93
N VAL E 66 -27.69 -11.73 16.40
CA VAL E 66 -27.36 -12.14 15.06
C VAL E 66 -28.58 -12.10 14.19
N VAL E 67 -28.43 -11.54 12.99
CA VAL E 67 -29.51 -11.49 12.04
C VAL E 67 -28.97 -11.65 10.64
N GLY E 68 -29.75 -12.31 9.80
CA GLY E 68 -29.43 -12.48 8.40
C GLY E 68 -30.10 -11.47 7.49
N PHE E 69 -29.45 -11.15 6.38
CA PHE E 69 -30.07 -10.26 5.42
C PHE E 69 -29.53 -10.47 4.02
N SER E 70 -30.37 -10.13 3.05
CA SER E 70 -30.03 -10.27 1.65
C SER E 70 -30.37 -9.02 0.86
N THR E 71 -30.69 -7.93 1.56
CA THR E 71 -30.95 -6.67 0.88
C THR E 71 -29.71 -5.77 0.88
N LEU E 72 -29.81 -4.62 0.23
CA LEU E 72 -28.71 -3.65 0.21
C LEU E 72 -28.35 -3.23 1.61
N LEU E 73 -27.05 -3.25 1.94
CA LEU E 73 -26.59 -2.96 3.31
C LEU E 73 -27.04 -1.59 3.79
N ALA E 74 -27.04 -0.63 2.88
CA ALA E 74 -27.44 0.73 3.23
C ALA E 74 -28.93 0.79 3.53
N HIS E 75 -29.68 -0.17 3.01
CA HIS E 75 -31.10 -0.21 3.34
C HIS E 75 -31.32 -0.99 4.63
N PHE E 76 -30.56 -2.06 4.82
CA PHE E 76 -30.82 -2.95 5.94
C PHE E 76 -30.50 -2.28 7.25
N VAL E 77 -29.48 -1.42 7.25
CA VAL E 77 -29.07 -0.75 8.47
C VAL E 77 -30.17 0.16 9.01
N LYS E 78 -30.97 0.73 8.09
CA LYS E 78 -32.09 1.58 8.47
C LYS E 78 -33.23 0.75 9.02
N GLU E 79 -33.40 -0.45 8.47
CA GLU E 79 -34.38 -1.41 8.97
C GLU E 79 -34.04 -1.91 10.38
N GLN E 80 -32.75 -1.94 10.71
CA GLN E 80 -32.32 -2.36 12.05
C GLN E 80 -32.14 -1.15 12.97
N LYS E 81 -32.34 0.04 12.43
CA LYS E 81 -32.21 1.28 13.19
C LYS E 81 -30.85 1.39 13.87
N ALA E 82 -29.80 1.07 13.12
CA ALA E 82 -28.43 1.22 13.61
C ALA E 82 -27.85 2.53 13.10
N ASN E 83 -27.05 3.20 13.93
CA ASN E 83 -26.46 4.47 13.51
C ASN E 83 -24.96 4.35 13.21
N VAL E 84 -24.41 3.17 13.44
CA VAL E 84 -22.99 2.94 13.21
C VAL E 84 -22.69 1.65 12.47
N PHE E 85 -21.80 1.75 11.50
CA PHE E 85 -21.21 0.59 10.85
C PHE E 85 -19.91 0.27 11.56
N LEU E 86 -19.65 -1.01 11.82
CA LEU E 86 -18.37 -1.52 12.27
C LEU E 86 -17.76 -2.41 11.20
N ARG E 87 -16.51 -2.14 10.84
CA ARG E 87 -15.78 -3.02 9.95
C ARG E 87 -14.39 -3.23 10.53
N GLY E 88 -13.74 -4.32 10.15
CA GLY E 88 -12.37 -4.57 10.59
C GLY E 88 -11.33 -4.30 9.52
N LEU E 89 -10.17 -3.82 9.92
CA LEU E 89 -9.08 -3.58 8.98
C LEU E 89 -7.85 -4.41 9.28
N ARG E 90 -7.57 -5.42 8.46
CA ARG E 90 -6.38 -6.27 8.65
C ARG E 90 -5.20 -5.81 7.78
N ALA E 91 -5.47 -5.24 6.63
CA ALA E 91 -4.41 -4.95 5.69
C ALA E 91 -4.84 -3.83 4.75
N VAL E 92 -3.89 -3.30 3.97
CA VAL E 92 -4.18 -2.22 3.05
C VAL E 92 -5.33 -2.50 2.08
N SER E 93 -5.46 -3.74 1.63
CA SER E 93 -6.56 -4.06 0.73
C SER E 93 -7.90 -3.85 1.45
N ASP E 94 -7.97 -4.20 2.75
CA ASP E 94 -9.17 -3.94 3.52
C ASP E 94 -9.43 -2.43 3.58
N PHE E 95 -8.38 -1.68 3.91
CA PHE E 95 -8.50 -0.26 4.13
C PHE E 95 -8.99 0.44 2.88
N GLU E 96 -8.42 0.08 1.75
CA GLU E 96 -8.82 0.73 0.51
C GLU E 96 -10.29 0.52 0.22
N TYR E 97 -10.72 -0.74 0.35
CA TYR E 97 -12.07 -1.13 0.02
C TYR E 97 -13.06 -0.49 0.97
N GLU E 98 -12.72 -0.52 2.25
CA GLU E 98 -13.57 0.06 3.26
C GLU E 98 -13.62 1.57 3.13
N PHE E 99 -12.51 2.15 2.68
CA PHE E 99 -12.44 3.59 2.50
C PHE E 99 -13.44 3.99 1.44
N GLN E 100 -13.54 3.19 0.38
CA GLN E 100 -14.40 3.50 -0.75
C GLN E 100 -15.85 3.22 -0.39
N LEU E 101 -16.09 2.12 0.31
CA LEU E 101 -17.44 1.75 0.71
C LEU E 101 -17.98 2.73 1.76
N ALA E 102 -17.08 3.34 2.52
CA ALA E 102 -17.55 4.28 3.52
C ALA E 102 -18.03 5.57 2.85
N ASN E 103 -17.33 5.98 1.80
CA ASN E 103 -17.70 7.19 1.08
C ASN E 103 -19.01 6.93 0.34
N MET E 104 -19.18 5.67 -0.03
CA MET E 104 -20.33 5.24 -0.78
C MET E 104 -21.59 5.16 0.06
N ASN E 105 -21.43 4.59 1.24
CA ASN E 105 -22.53 4.45 2.18
C ASN E 105 -22.88 5.82 2.76
N ARG E 106 -21.94 6.75 2.73
CA ARG E 106 -22.21 8.12 3.16
C ARG E 106 -23.25 8.78 2.23
N GLN E 107 -23.23 8.40 0.96
CA GLN E 107 -24.25 8.82 -0.01
C GLN E 107 -25.59 8.12 0.20
N LEU E 108 -25.55 6.82 0.46
CA LEU E 108 -26.76 6.02 0.58
C LEU E 108 -27.40 6.08 1.98
N ALA E 109 -26.57 6.24 3.01
CA ALA E 109 -27.06 6.29 4.38
C ALA E 109 -26.29 7.32 5.19
N PRO E 110 -26.67 8.59 5.02
CA PRO E 110 -25.93 9.73 5.57
C PRO E 110 -25.98 9.81 7.08
N ASP E 111 -26.93 9.15 7.73
CA ASP E 111 -26.99 9.26 9.18
C ASP E 111 -26.26 8.12 9.85
N VAL E 112 -25.52 7.36 9.05
CA VAL E 112 -24.84 6.22 9.60
C VAL E 112 -23.36 6.42 9.50
N GLU E 113 -22.70 6.32 10.63
CA GLU E 113 -21.28 6.51 10.70
C GLU E 113 -20.60 5.23 10.26
N SER E 114 -19.41 5.34 9.66
CA SER E 114 -18.59 4.16 9.42
C SER E 114 -17.33 4.19 10.28
N MET E 115 -17.19 3.19 11.13
CA MET E 115 -16.07 3.18 12.04
C MET E 115 -15.34 1.86 11.94
N PHE E 116 -14.05 1.90 12.25
CA PHE E 116 -13.19 0.76 12.03
C PHE E 116 -12.37 0.36 13.26
N LEU E 117 -12.14 -0.94 13.36
CA LEU E 117 -11.19 -1.48 14.32
C LEU E 117 -10.17 -2.29 13.56
N THR E 118 -8.98 -2.41 14.13
CA THR E 118 -7.93 -3.28 13.62
C THR E 118 -7.77 -4.47 14.56
N PRO E 119 -7.31 -5.62 14.05
CA PRO E 119 -7.27 -6.83 14.87
C PRO E 119 -6.14 -6.87 15.90
N SER E 120 -6.29 -7.72 16.90
CA SER E 120 -5.15 -8.03 17.76
C SER E 120 -4.18 -8.79 16.88
N GLU E 121 -2.88 -8.61 17.11
CA GLU E 121 -1.89 -9.24 16.24
C GLU E 121 -2.09 -10.76 16.23
N LYS E 122 -2.64 -11.29 17.32
CA LYS E 122 -2.91 -12.71 17.41
C LYS E 122 -3.95 -13.17 16.38
N TYR E 123 -4.82 -12.27 15.94
CA TYR E 123 -5.83 -12.64 14.94
C TYR E 123 -5.77 -11.90 13.61
N SER E 124 -4.69 -11.15 13.38
CA SER E 124 -4.62 -10.25 12.24
C SER E 124 -4.68 -10.99 10.91
N PHE E 125 -4.15 -12.20 10.89
CA PHE E 125 -3.97 -12.98 9.67
C PHE E 125 -5.12 -13.95 9.35
N ILE E 126 -6.07 -14.09 10.27
CA ILE E 126 -7.15 -15.05 10.08
C ILE E 126 -8.12 -14.59 8.99
N SER E 127 -8.27 -15.45 7.98
CA SER E 127 -9.15 -15.22 6.85
C SER E 127 -10.24 -16.29 6.82
N SER E 128 -11.44 -15.97 6.38
CA SER E 128 -12.45 -17.01 6.26
C SER E 128 -12.10 -17.90 5.09
N THR E 129 -11.60 -17.29 4.02
CA THR E 129 -11.16 -18.03 2.86
C THR E 129 -10.02 -18.99 3.26
N LEU E 130 -9.11 -18.52 4.11
CA LEU E 130 -8.02 -19.40 4.53
C LEU E 130 -8.55 -20.55 5.40
N VAL E 131 -9.45 -20.27 6.32
CA VAL E 131 -9.98 -21.32 7.17
C VAL E 131 -10.69 -22.38 6.33
N ARG E 132 -11.54 -21.93 5.40
CA ARG E 132 -12.22 -22.84 4.50
C ARG E 132 -11.23 -23.70 3.68
N GLU E 133 -10.19 -23.08 3.12
CA GLU E 133 -9.29 -23.80 2.25
C GLU E 133 -8.46 -24.80 3.03
N ILE E 134 -8.11 -24.46 4.27
CA ILE E 134 -7.38 -25.37 5.14
C ILE E 134 -8.25 -26.54 5.60
N ALA E 135 -9.49 -26.25 5.97
CA ALA E 135 -10.39 -27.30 6.45
C ALA E 135 -10.73 -28.29 5.35
N ALA E 136 -10.93 -27.79 4.15
CA ALA E 136 -11.24 -28.66 3.01
C ALA E 136 -10.11 -29.65 2.71
N LEU E 137 -8.89 -29.35 3.14
CA LEU E 137 -7.79 -30.27 2.88
C LEU E 137 -7.37 -30.99 4.16
N GLY E 138 -8.24 -30.92 5.18
CA GLY E 138 -8.02 -31.62 6.43
C GLY E 138 -6.99 -31.03 7.35
N GLY E 139 -6.68 -29.75 7.17
CA GLY E 139 -5.75 -29.10 8.07
C GLY E 139 -6.48 -28.77 9.35
N ASP E 140 -5.75 -28.67 10.44
CA ASP E 140 -6.35 -28.29 11.70
C ASP E 140 -6.66 -26.81 11.73
N ILE E 141 -7.93 -26.45 11.86
CA ILE E 141 -8.27 -25.03 11.97
C ILE E 141 -8.79 -24.62 13.35
N SER E 142 -8.53 -25.46 14.35
CA SER E 142 -9.02 -25.26 15.70
C SER E 142 -8.42 -24.04 16.39
N LYS E 143 -7.34 -23.51 15.82
CA LYS E 143 -6.67 -22.36 16.41
C LYS E 143 -7.32 -21.07 15.91
N PHE E 144 -8.17 -21.18 14.90
CA PHE E 144 -8.71 -19.98 14.25
C PHE E 144 -10.21 -19.82 14.38
N VAL E 145 -10.86 -20.80 14.98
CA VAL E 145 -12.31 -20.75 15.10
C VAL E 145 -12.78 -21.33 16.43
N HIS E 146 -14.03 -21.05 16.75
CA HIS E 146 -14.68 -21.55 17.94
C HIS E 146 -14.92 -23.03 17.72
N PRO E 147 -14.95 -23.83 18.80
CA PRO E 147 -15.10 -25.29 18.66
C PRO E 147 -16.31 -25.71 17.85
N ALA E 148 -17.42 -25.00 18.02
CA ALA E 148 -18.64 -25.32 17.27
C ALA E 148 -18.43 -25.13 15.78
N VAL E 149 -17.62 -24.14 15.41
CA VAL E 149 -17.37 -23.88 14.00
C VAL E 149 -16.44 -24.95 13.44
N ALA E 150 -15.43 -25.32 14.24
CA ALA E 150 -14.53 -26.40 13.85
C ALA E 150 -15.34 -27.67 13.64
N ASP E 151 -16.24 -27.92 14.56
CA ASP E 151 -17.05 -29.11 14.46
C ASP E 151 -17.87 -29.03 13.17
N ALA E 152 -18.38 -27.84 12.85
CA ALA E 152 -19.17 -27.65 11.63
C ALA E 152 -18.36 -27.86 10.36
N LEU E 153 -17.11 -27.38 10.34
CA LEU E 153 -16.23 -27.53 9.20
C LEU E 153 -15.91 -29.00 9.04
N ALA E 154 -15.72 -29.68 10.17
CA ALA E 154 -15.37 -31.08 10.19
C ALA E 154 -16.46 -31.89 9.52
N GLU E 155 -17.70 -31.58 9.88
CA GLU E 155 -18.87 -32.28 9.33
C GLU E 155 -19.09 -31.95 7.87
N ARG E 156 -18.85 -30.69 7.52
CA ARG E 156 -19.16 -30.25 6.18
C ARG E 156 -18.30 -30.91 5.12
N PHE E 157 -17.10 -31.34 5.50
CA PHE E 157 -16.21 -31.94 4.51
C PHE E 157 -16.08 -33.47 4.55
N LYS E 158 -17.10 -34.14 5.11
CA LYS E 158 -17.20 -35.59 4.99
C LYS E 158 -18.63 -36.08 5.32
N MET F 1 -20.73 5.94 30.47
CA MET F 1 -20.45 6.72 29.29
C MET F 1 -19.18 6.26 28.61
N ASN F 2 -19.05 6.57 27.33
CA ASN F 2 -17.79 6.38 26.62
C ASN F 2 -17.12 7.72 26.48
N ARG F 3 -15.85 7.76 26.85
CA ARG F 3 -15.12 9.00 26.74
C ARG F 3 -13.98 8.77 25.77
N VAL F 4 -14.01 9.45 24.63
CA VAL F 4 -13.04 9.21 23.58
C VAL F 4 -12.00 10.29 23.54
N LEU F 5 -10.76 9.88 23.28
CA LEU F 5 -9.66 10.82 23.25
C LEU F 5 -9.07 10.83 21.84
N TYR F 6 -9.06 12.02 21.25
CA TYR F 6 -8.54 12.26 19.91
C TYR F 6 -7.24 13.03 20.06
N PRO F 7 -6.11 12.33 20.02
CA PRO F 7 -4.81 12.95 20.22
C PRO F 7 -4.16 13.34 18.90
N GLY F 8 -3.37 14.41 18.88
CA GLY F 8 -2.68 14.82 17.68
C GLY F 8 -1.74 15.99 17.94
N THR F 9 -1.03 16.43 16.90
CA THR F 9 -0.21 17.63 17.02
C THR F 9 -1.02 18.89 16.71
N PHE F 10 -1.99 18.81 15.78
CA PHE F 10 -2.92 19.91 15.51
C PHE F 10 -2.16 21.23 15.31
N ASP F 11 -1.21 21.20 14.39
CA ASP F 11 -0.35 22.35 14.15
C ASP F 11 -0.50 22.89 12.73
N PRO F 12 -1.59 23.64 12.48
CA PRO F 12 -2.70 23.91 13.40
C PRO F 12 -3.84 22.92 13.15
N ILE F 13 -4.92 23.04 13.89
CA ILE F 13 -6.11 22.21 13.63
C ILE F 13 -6.77 22.62 12.31
N THR F 14 -7.28 21.66 11.56
CA THR F 14 -7.80 21.90 10.21
C THR F 14 -9.25 21.44 10.07
N LYS F 15 -9.82 21.70 8.91
CA LYS F 15 -11.17 21.24 8.64
C LYS F 15 -11.17 19.73 8.56
N GLY F 16 -10.00 19.11 8.39
CA GLY F 16 -9.93 17.67 8.40
C GLY F 16 -10.14 17.15 9.81
N HIS F 17 -9.45 17.75 10.77
CA HIS F 17 -9.62 17.37 12.17
C HIS F 17 -11.06 17.67 12.58
N GLY F 18 -11.50 18.87 12.22
CA GLY F 18 -12.79 19.36 12.64
C GLY F 18 -13.92 18.46 12.20
N ASP F 19 -13.78 17.86 11.03
CA ASP F 19 -14.80 16.95 10.57
C ASP F 19 -14.88 15.71 11.44
N LEU F 20 -13.71 15.16 11.76
CA LEU F 20 -13.66 13.98 12.61
C LEU F 20 -14.23 14.30 13.99
N ILE F 21 -14.03 15.53 14.44
CA ILE F 21 -14.47 15.90 15.77
C ILE F 21 -15.99 16.05 15.77
N GLU F 22 -16.53 16.57 14.66
CA GLU F 22 -17.98 16.71 14.53
C GLU F 22 -18.64 15.35 14.59
N ARG F 23 -18.07 14.39 13.88
CA ARG F 23 -18.64 13.05 13.81
C ARG F 23 -18.48 12.34 15.13
N ALA F 24 -17.39 12.60 15.84
CA ALA F 24 -17.17 11.90 17.10
C ALA F 24 -18.09 12.43 18.19
N SER F 25 -18.31 13.74 18.19
CA SER F 25 -19.17 14.39 19.16
C SER F 25 -20.60 13.87 19.08
N ARG F 26 -20.98 13.40 17.90
CA ARG F 26 -22.31 12.86 17.66
C ARG F 26 -22.38 11.40 18.07
N LEU F 27 -21.23 10.80 18.27
CA LEU F 27 -21.21 9.39 18.53
C LEU F 27 -20.94 9.12 20.01
N PHE F 28 -20.22 10.02 20.67
CA PHE F 28 -19.82 9.76 22.04
C PHE F 28 -20.31 10.80 23.03
N ASP F 29 -20.38 10.41 24.28
CA ASP F 29 -20.86 11.31 25.29
C ASP F 29 -19.84 12.40 25.60
N HIS F 30 -18.57 12.05 25.56
CA HIS F 30 -17.52 12.99 25.92
C HIS F 30 -16.33 12.81 24.98
N VAL F 31 -15.90 13.90 24.37
CA VAL F 31 -14.75 13.92 23.47
C VAL F 31 -13.70 14.87 23.99
N ILE F 32 -12.48 14.37 24.17
CA ILE F 32 -11.36 15.21 24.57
C ILE F 32 -10.33 15.30 23.44
N ILE F 33 -10.01 16.51 23.06
CA ILE F 33 -8.99 16.73 22.06
C ILE F 33 -7.67 16.91 22.78
N ALA F 34 -6.77 15.94 22.62
CA ALA F 34 -5.51 15.97 23.34
C ALA F 34 -4.42 16.44 22.41
N VAL F 35 -4.01 17.69 22.59
CA VAL F 35 -2.98 18.29 21.76
C VAL F 35 -1.61 18.02 22.33
N ALA F 36 -0.84 17.21 21.60
CA ALA F 36 0.47 16.78 22.04
C ALA F 36 1.51 17.87 21.85
N ALA F 37 2.34 18.07 22.87
CA ALA F 37 3.37 19.09 22.82
C ALA F 37 4.26 18.85 21.62
N SER F 38 4.78 17.63 21.49
CA SER F 38 5.51 17.20 20.30
C SER F 38 6.69 18.07 19.98
N PRO F 39 7.52 18.39 20.99
CA PRO F 39 8.59 19.38 20.79
C PRO F 39 9.57 18.99 19.70
N LYS F 40 9.79 17.69 19.55
CA LYS F 40 10.73 17.20 18.56
C LYS F 40 10.22 17.25 17.12
N LYS F 41 9.05 17.85 16.92
CA LYS F 41 8.52 18.01 15.58
C LYS F 41 8.64 19.50 15.25
N ASN F 42 9.24 20.22 16.20
CA ASN F 42 9.37 21.69 16.17
C ASN F 42 8.16 22.38 15.54
N PRO F 43 7.02 22.35 16.24
CA PRO F 43 5.74 22.87 15.75
C PRO F 43 5.76 24.38 15.49
N LEU F 44 5.00 24.80 14.48
CA LEU F 44 4.88 26.21 14.14
C LEU F 44 4.29 27.05 15.27
N PHE F 45 3.21 26.56 15.87
CA PHE F 45 2.55 27.20 17.01
C PHE F 45 2.91 26.55 18.34
N SER F 46 2.88 27.33 19.40
CA SER F 46 3.08 26.78 20.72
C SER F 46 1.94 25.88 21.13
N LEU F 47 2.17 25.06 22.15
CA LEU F 47 1.13 24.20 22.67
C LEU F 47 -0.02 25.08 23.11
N GLU F 48 0.31 26.19 23.74
CA GLU F 48 -0.67 27.13 24.23
C GLU F 48 -1.55 27.69 23.11
N GLN F 49 -0.95 27.99 21.96
CA GLN F 49 -1.73 28.48 20.85
C GLN F 49 -2.61 27.42 20.20
N ARG F 50 -2.04 26.26 19.97
CA ARG F 50 -2.75 25.17 19.29
C ARG F 50 -3.97 24.73 20.09
N VAL F 51 -3.83 24.69 21.42
CA VAL F 51 -4.94 24.42 22.32
C VAL F 51 -6.01 25.49 22.13
N ALA F 52 -5.56 26.74 22.04
CA ALA F 52 -6.51 27.82 21.90
C ALA F 52 -7.27 27.79 20.56
N LEU F 53 -6.57 27.49 19.46
CA LEU F 53 -7.27 27.41 18.18
C LEU F 53 -8.28 26.27 18.15
N ALA F 54 -7.86 25.12 18.68
CA ALA F 54 -8.71 23.95 18.68
C ALA F 54 -9.92 24.17 19.56
N GLN F 55 -9.77 25.04 20.56
CA GLN F 55 -10.84 25.35 21.49
C GLN F 55 -11.87 26.23 20.76
N GLU F 56 -11.36 27.20 20.04
CA GLU F 56 -12.18 28.17 19.33
C GLU F 56 -13.00 27.49 18.23
N VAL F 57 -12.41 26.46 17.64
CA VAL F 57 -13.00 25.82 16.49
C VAL F 57 -14.03 24.82 16.99
N THR F 58 -14.01 24.55 18.29
CA THR F 58 -14.93 23.54 18.85
C THR F 58 -15.80 24.06 19.99
N LYS F 59 -15.77 25.37 20.27
CA LYS F 59 -16.52 25.93 21.39
C LYS F 59 -18.01 25.60 21.29
N HIS F 60 -18.49 25.43 20.07
CA HIS F 60 -19.91 25.21 19.81
C HIS F 60 -20.35 23.78 20.06
N LEU F 61 -19.40 22.92 20.40
CA LEU F 61 -19.75 21.54 20.68
C LEU F 61 -19.66 21.35 22.15
N PRO F 62 -20.80 20.99 22.74
CA PRO F 62 -20.91 21.05 24.19
C PRO F 62 -20.15 19.92 24.87
N ASN F 63 -20.09 18.76 24.22
CA ASN F 63 -19.43 17.60 24.80
C ASN F 63 -17.99 17.44 24.35
N VAL F 64 -17.41 18.52 23.82
CA VAL F 64 -16.05 18.48 23.33
C VAL F 64 -15.12 19.38 24.15
N GLU F 65 -13.97 18.84 24.56
CA GLU F 65 -12.99 19.59 25.34
C GLU F 65 -11.60 19.54 24.75
N VAL F 66 -10.81 20.57 25.03
CA VAL F 66 -9.45 20.61 24.55
C VAL F 66 -8.49 20.64 25.73
N VAL F 67 -7.45 19.81 25.65
CA VAL F 67 -6.45 19.76 26.69
C VAL F 67 -5.10 19.51 26.05
N GLY F 68 -4.08 20.15 26.60
CA GLY F 68 -2.72 19.94 26.17
C GLY F 68 -2.02 18.90 27.02
N PHE F 69 -1.07 18.19 26.43
CA PHE F 69 -0.33 17.24 27.22
C PHE F 69 1.01 16.98 26.58
N SER F 70 1.95 16.62 27.44
CA SER F 70 3.28 16.38 26.98
C SER F 70 3.84 15.09 27.57
N THR F 71 2.97 14.27 28.17
CA THR F 71 3.43 12.97 28.67
C THR F 71 3.12 11.85 27.67
N LEU F 72 3.55 10.63 27.97
CA LEU F 72 3.25 9.49 27.10
C LEU F 72 1.76 9.32 26.94
N LEU F 73 1.31 9.15 25.68
CA LEU F 73 -0.13 9.09 25.36
C LEU F 73 -0.85 8.01 26.13
N ALA F 74 -0.17 6.88 26.31
CA ALA F 74 -0.75 5.76 27.04
C ALA F 74 -0.87 6.07 28.52
N HIS F 75 -0.10 7.04 29.00
CA HIS F 75 -0.25 7.43 30.39
C HIS F 75 -1.34 8.48 30.50
N PHE F 76 -1.38 9.39 29.53
CA PHE F 76 -2.26 10.54 29.61
C PHE F 76 -3.72 10.12 29.47
N VAL F 77 -3.96 9.09 28.66
CA VAL F 77 -5.32 8.63 28.43
C VAL F 77 -5.92 8.13 29.75
N LYS F 78 -5.04 7.61 30.62
CA LYS F 78 -5.44 7.16 31.95
C LYS F 78 -5.69 8.35 32.87
N GLU F 79 -4.91 9.41 32.71
CA GLU F 79 -5.14 10.64 33.50
C GLU F 79 -6.46 11.33 33.16
N GLN F 80 -6.94 11.12 31.93
CA GLN F 80 -8.20 11.68 31.47
C GLN F 80 -9.36 10.70 31.64
N LYS F 81 -9.03 9.50 32.09
CA LYS F 81 -10.01 8.43 32.30
C LYS F 81 -10.83 8.18 31.03
N ALA F 82 -10.15 8.13 29.91
CA ALA F 82 -10.75 7.83 28.62
C ALA F 82 -10.59 6.35 28.30
N ASN F 83 -11.60 5.71 27.72
CA ASN F 83 -11.51 4.28 27.40
C ASN F 83 -11.35 4.00 25.91
N VAL F 84 -11.38 5.06 25.09
CA VAL F 84 -11.26 4.92 23.64
C VAL F 84 -10.28 5.92 23.05
N PHE F 85 -9.43 5.46 22.13
CA PHE F 85 -8.64 6.34 21.26
C PHE F 85 -9.36 6.51 19.95
N LEU F 86 -9.38 7.74 19.42
CA LEU F 86 -9.82 7.99 18.06
C LEU F 86 -8.67 8.47 17.19
N ARG F 87 -8.48 7.85 16.03
CA ARG F 87 -7.51 8.34 15.06
C ARG F 87 -8.14 8.40 13.68
N GLY F 88 -7.60 9.25 12.81
CA GLY F 88 -8.09 9.34 11.46
C GLY F 88 -7.21 8.64 10.46
N LEU F 89 -7.81 8.01 9.46
CA LEU F 89 -7.04 7.33 8.41
C LEU F 89 -7.31 7.96 7.05
N ARG F 90 -6.32 8.70 6.53
CA ARG F 90 -6.46 9.31 5.21
C ARG F 90 -5.87 8.42 4.13
N ALA F 91 -4.84 7.66 4.49
CA ALA F 91 -4.10 6.93 3.48
C ALA F 91 -3.38 5.74 4.08
N VAL F 92 -2.84 4.91 3.21
CA VAL F 92 -2.09 3.72 3.61
C VAL F 92 -0.99 4.04 4.61
N SER F 93 -0.39 5.21 4.47
CA SER F 93 0.65 5.62 5.41
C SER F 93 0.07 5.77 6.82
N ASP F 94 -1.12 6.35 6.92
CA ASP F 94 -1.79 6.48 8.19
C ASP F 94 -2.13 5.11 8.76
N PHE F 95 -2.70 4.26 7.92
CA PHE F 95 -3.19 2.96 8.34
C PHE F 95 -2.08 2.12 8.91
N GLU F 96 -0.95 2.11 8.22
CA GLU F 96 0.17 1.32 8.69
C GLU F 96 0.66 1.75 10.07
N TYR F 97 0.79 3.07 10.25
CA TYR F 97 1.31 3.62 11.47
C TYR F 97 0.33 3.42 12.63
N GLU F 98 -0.95 3.67 12.35
CA GLU F 98 -1.97 3.51 13.38
C GLU F 98 -2.12 2.05 13.78
N PHE F 99 -1.93 1.16 12.82
CA PHE F 99 -2.06 -0.26 13.07
C PHE F 99 -0.95 -0.62 14.05
N GLN F 100 0.22 -0.03 13.82
CA GLN F 100 1.39 -0.34 14.61
C GLN F 100 1.25 0.26 16.00
N LEU F 101 0.79 1.50 16.07
CA LEU F 101 0.62 2.17 17.34
C LEU F 101 -0.51 1.57 18.16
N ALA F 102 -1.48 0.97 17.48
CA ALA F 102 -2.59 0.41 18.20
C ALA F 102 -2.17 -0.90 18.89
N ASN F 103 -1.32 -1.67 18.22
CA ASN F 103 -0.83 -2.90 18.80
C ASN F 103 0.09 -2.52 19.95
N MET F 104 0.73 -1.38 19.79
CA MET F 104 1.68 -0.91 20.75
C MET F 104 0.98 -0.41 22.02
N ASN F 105 -0.09 0.34 21.80
CA ASN F 105 -0.86 0.90 22.88
C ASN F 105 -1.66 -0.17 23.61
N ARG F 106 -1.90 -1.28 22.91
CA ARG F 106 -2.59 -2.41 23.54
C ARG F 106 -1.73 -3.00 24.67
N GLN F 107 -0.41 -2.98 24.52
CA GLN F 107 0.48 -3.41 25.60
C GLN F 107 0.50 -2.37 26.73
N LEU F 108 0.54 -1.10 26.38
CA LEU F 108 0.70 -0.03 27.35
C LEU F 108 -0.57 0.37 28.07
N ALA F 109 -1.70 0.26 27.38
CA ALA F 109 -2.97 0.66 27.96
C ALA F 109 -4.06 -0.29 27.51
N PRO F 110 -4.13 -1.45 28.15
CA PRO F 110 -4.95 -2.58 27.72
C PRO F 110 -6.46 -2.37 27.83
N ASP F 111 -6.91 -1.40 28.62
CA ASP F 111 -8.34 -1.20 28.77
C ASP F 111 -8.80 -0.08 27.84
N VAL F 112 -7.95 0.32 26.91
CA VAL F 112 -8.32 1.40 26.01
C VAL F 112 -8.40 0.89 24.60
N GLU F 113 -9.54 1.13 23.95
CA GLU F 113 -9.75 0.67 22.59
C GLU F 113 -9.14 1.64 21.60
N SER F 114 -8.68 1.14 20.46
CA SER F 114 -8.28 2.02 19.36
C SER F 114 -9.26 1.84 18.20
N MET F 115 -9.91 2.95 17.85
CA MET F 115 -10.92 2.97 16.83
C MET F 115 -10.62 4.05 15.80
N PHE F 116 -11.08 3.84 14.58
CA PHE F 116 -10.68 4.72 13.51
C PHE F 116 -11.85 5.23 12.70
N LEU F 117 -11.68 6.44 12.18
CA LEU F 117 -12.59 6.98 11.18
C LEU F 117 -11.79 7.37 9.96
N THR F 118 -12.44 7.33 8.81
CA THR F 118 -11.82 7.81 7.59
C THR F 118 -12.49 9.12 7.22
N PRO F 119 -11.79 10.01 6.50
CA PRO F 119 -12.34 11.35 6.27
C PRO F 119 -13.44 11.38 5.22
N SER F 120 -14.26 12.41 5.24
CA SER F 120 -15.19 12.66 4.13
C SER F 120 -14.32 13.04 2.94
N GLU F 121 -14.72 12.68 1.73
CA GLU F 121 -13.85 12.90 0.58
C GLU F 121 -13.44 14.40 0.38
N LYS F 122 -14.28 15.35 0.84
CA LYS F 122 -13.91 16.76 0.77
C LYS F 122 -12.71 17.14 1.64
N TYR F 123 -12.46 16.39 2.72
CA TYR F 123 -11.38 16.73 3.64
C TYR F 123 -10.29 15.68 3.68
N SER F 124 -10.38 14.75 2.74
CA SER F 124 -9.52 13.58 2.74
C SER F 124 -8.05 13.92 2.59
N PHE F 125 -7.77 14.96 1.84
CA PHE F 125 -6.41 15.32 1.42
C PHE F 125 -5.77 16.37 2.30
N ILE F 126 -6.53 16.96 3.20
CA ILE F 126 -6.01 18.05 4.02
C ILE F 126 -4.94 17.60 5.01
N SER F 127 -3.79 18.24 4.89
CA SER F 127 -2.63 17.97 5.74
C SER F 127 -2.28 19.22 6.56
N SER F 128 -1.82 19.04 7.79
CA SER F 128 -1.40 20.18 8.57
C SER F 128 -0.08 20.70 8.00
N THR F 129 0.75 19.77 7.55
CA THR F 129 2.00 20.15 6.92
C THR F 129 1.71 20.94 5.64
N LEU F 130 0.72 20.51 4.88
CA LEU F 130 0.39 21.21 3.63
C LEU F 130 -0.17 22.59 3.93
N VAL F 131 -1.08 22.70 4.89
CA VAL F 131 -1.61 24.01 5.24
C VAL F 131 -0.51 24.97 5.71
N ARG F 132 0.37 24.51 6.60
CA ARG F 132 1.51 25.31 7.02
C ARG F 132 2.39 25.77 5.83
N GLU F 133 2.70 24.87 4.90
CA GLU F 133 3.59 25.22 3.80
C GLU F 133 2.96 26.16 2.77
N ILE F 134 1.66 26.01 2.55
CA ILE F 134 0.95 26.91 1.67
C ILE F 134 0.83 28.28 2.29
N ALA F 135 0.48 28.32 3.57
CA ALA F 135 0.30 29.60 4.24
C ALA F 135 1.61 30.36 4.31
N ALA F 136 2.69 29.64 4.56
CA ALA F 136 4.01 30.25 4.64
C ALA F 136 4.44 30.94 3.35
N LEU F 137 3.87 30.53 2.22
CA LEU F 137 4.22 31.13 0.93
C LEU F 137 3.11 32.03 0.41
N GLY F 138 2.21 32.42 1.30
CA GLY F 138 1.12 33.34 0.98
C GLY F 138 -0.01 32.76 0.16
N GLY F 139 -0.11 31.44 0.14
CA GLY F 139 -1.22 30.81 -0.56
C GLY F 139 -2.47 30.90 0.27
N ASP F 140 -3.61 30.87 -0.40
CA ASP F 140 -4.88 30.89 0.29
C ASP F 140 -5.21 29.54 0.90
N ILE F 141 -5.28 29.46 2.22
CA ILE F 141 -5.65 28.21 2.88
C ILE F 141 -7.02 28.24 3.54
N SER F 142 -7.83 29.23 3.17
CA SER F 142 -9.12 29.46 3.82
C SER F 142 -10.14 28.34 3.59
N LYS F 143 -9.89 27.49 2.60
CA LYS F 143 -10.80 26.39 2.33
C LYS F 143 -10.44 25.15 3.16
N PHE F 144 -9.30 25.17 3.85
CA PHE F 144 -8.84 23.98 4.59
C PHE F 144 -8.86 24.19 6.09
N VAL F 145 -9.17 25.40 6.51
CA VAL F 145 -9.17 25.71 7.94
C VAL F 145 -10.28 26.67 8.28
N HIS F 146 -10.53 26.79 9.57
N HIS F 146 -10.54 26.80 9.56
CA HIS F 146 -11.51 27.69 10.17
CA HIS F 146 -11.57 27.71 10.01
C HIS F 146 -10.96 29.12 10.08
C HIS F 146 -10.99 29.11 10.15
N PRO F 147 -11.85 30.13 9.99
CA PRO F 147 -11.43 31.53 9.89
C PRO F 147 -10.48 31.98 10.99
N ALA F 148 -10.67 31.49 12.20
CA ALA F 148 -9.77 31.83 13.31
C ALA F 148 -8.35 31.29 13.05
N VAL F 149 -8.27 30.10 12.43
CA VAL F 149 -6.99 29.47 12.15
C VAL F 149 -6.33 30.16 10.98
N ALA F 150 -7.14 30.49 9.96
CA ALA F 150 -6.66 31.23 8.81
C ALA F 150 -6.11 32.56 9.29
N ASP F 151 -6.85 33.19 10.19
CA ASP F 151 -6.41 34.46 10.74
C ASP F 151 -5.12 34.25 11.53
N ALA F 152 -5.02 33.13 12.25
CA ALA F 152 -3.82 32.87 13.02
C ALA F 152 -2.58 32.67 12.16
N LEU F 153 -2.74 31.98 11.04
CA LEU F 153 -1.62 31.74 10.13
C LEU F 153 -1.20 33.03 9.45
N ALA F 154 -2.20 33.85 9.13
CA ALA F 154 -1.95 35.09 8.42
C ALA F 154 -1.02 35.96 9.21
N GLU F 155 -1.23 36.05 10.51
CA GLU F 155 -0.35 36.86 11.36
C GLU F 155 1.04 36.25 11.54
N ARG F 156 1.10 34.93 11.66
CA ARG F 156 2.35 34.27 11.99
C ARG F 156 3.40 34.45 10.91
N PHE F 157 2.92 34.70 9.70
CA PHE F 157 3.80 34.83 8.55
C PHE F 157 4.00 36.29 8.11
N LYS F 158 3.93 37.20 9.08
CA LYS F 158 4.30 38.59 8.87
C LYS F 158 4.78 39.20 10.19
#